data_8ZIA
#
_entry.id   8ZIA
#
_cell.length_a   77.277
_cell.length_b   59.265
_cell.length_c   104.138
_cell.angle_alpha   90.000
_cell.angle_beta   93.464
_cell.angle_gamma   90.000
#
_symmetry.space_group_name_H-M   'P 1 21 1'
#
loop_
_entity.id
_entity.type
_entity.pdbx_description
1 polymer 'L-tryptophan decarboxylase'
2 polymer 'L-tryptophan decarboxylase'
3 non-polymer 2-(1H-INDOL-3-YL)ETHANAMINE
4 water water
#
loop_
_entity_poly.entity_id
_entity_poly.type
_entity_poly.pdbx_seq_one_letter_code
_entity_poly.pdbx_strand_id
1 'polypeptide(L)'
;NYSNEFGLMQPIQEFKAFIESDPVVHQEFIDMFEGIQDSPRNYQELCNMFNDIFRKAPVYGDLGPPVYMIMAKLMNTRAG
FSAFTRQRLNLHFKKLFDTWGLFLSSKDSRNVLVADQFDDRHCGWLNERALSAMVKHYNGRAFDEVFLCDKNAPYYGFNS
YDDFFNRRFRNRDIDRPVVGGVNNTTLISAACESLSYNVSYDVQSLDTLVFKGETYSLKHLLNNDPFTPQFEHGSILQGF
LNVTAYHRWHAPVNGTIVKIINVPGTYFAQAPSTIGDPIPDNDYDPPPYLKSLVYFSNIAARQIMFIEADNKEIGLIFLV
FIGMTEISTCEATVSEGQHVNRGDDLGMFHFGG
;
I,A
2 'polypeptide(L)' (PYR)SFALGLRKDCRAEIVEKFTEPGTVIRINEVVAALKA J,B
#
loop_
_chem_comp.id
_chem_comp.type
_chem_comp.name
_chem_comp.formula
PYR non-polymer 'PYRUVIC ACID' 'C3 H4 O3'
TSS non-polymer 2-(1H-INDOL-3-YL)ETHANAMINE 'C10 H12 N2'
#
# COMPACT_ATOMS: atom_id res chain seq x y z
N PHE A 6 -24.54 -1.65 33.45
CA PHE A 6 -23.63 -0.52 33.31
C PHE A 6 -22.20 -0.94 33.63
N GLY A 7 -21.24 -0.26 33.01
CA GLY A 7 -19.84 -0.56 33.21
C GLY A 7 -19.26 -1.32 32.04
N LEU A 8 -18.20 -0.82 31.44
CA LEU A 8 -17.60 -1.44 30.26
C LEU A 8 -16.24 -2.04 30.62
N MET A 9 -15.90 -3.14 29.98
CA MET A 9 -14.57 -3.69 30.20
C MET A 9 -13.51 -2.68 29.74
N GLN A 10 -12.34 -2.76 30.38
CA GLN A 10 -11.33 -1.72 30.17
C GLN A 10 -10.92 -1.55 28.70
N PRO A 11 -10.67 -2.60 27.92
CA PRO A 11 -10.27 -2.36 26.52
C PRO A 11 -11.33 -1.62 25.73
N ILE A 12 -12.61 -1.80 26.07
CA ILE A 12 -13.66 -1.07 25.38
C ILE A 12 -13.65 0.39 25.82
N GLN A 13 -13.43 0.65 27.11
CA GLN A 13 -13.31 2.03 27.54
C GLN A 13 -12.17 2.74 26.83
N GLU A 14 -11.07 2.03 26.58
CA GLU A 14 -9.94 2.65 25.89
C GLU A 14 -10.25 2.86 24.41
N PHE A 15 -10.94 1.91 23.81
CA PHE A 15 -11.46 2.06 22.45
C PHE A 15 -12.35 3.30 22.33
N LYS A 16 -13.28 3.47 23.26
CA LYS A 16 -14.15 4.64 23.24
C LYS A 16 -13.34 5.93 23.44
N ALA A 17 -12.38 5.91 24.36
CA ALA A 17 -11.55 7.09 24.56
C ALA A 17 -10.79 7.42 23.28
N PHE A 18 -10.31 6.40 22.57
CA PHE A 18 -9.62 6.67 21.31
C PHE A 18 -10.53 7.36 20.32
N ILE A 19 -11.75 6.85 20.16
CA ILE A 19 -12.71 7.46 19.25
C ILE A 19 -12.88 8.94 19.54
N GLU A 20 -13.00 9.28 20.82
CA GLU A 20 -13.21 10.67 21.24
C GLU A 20 -11.93 11.48 21.30
N SER A 21 -10.76 10.86 21.09
CA SER A 21 -9.49 11.56 21.17
C SER A 21 -9.15 12.34 19.91
N ASP A 22 -9.75 12.00 18.77
CA ASP A 22 -9.44 12.62 17.48
C ASP A 22 -10.73 13.14 16.88
N PRO A 23 -10.87 14.45 16.65
CA PRO A 23 -12.15 14.95 16.09
C PRO A 23 -12.51 14.32 14.75
N VAL A 24 -11.54 13.99 13.91
CA VAL A 24 -11.87 13.38 12.63
C VAL A 24 -12.36 11.96 12.83
N VAL A 25 -11.70 11.20 13.70
CA VAL A 25 -12.15 9.86 14.04
C VAL A 25 -13.52 9.91 14.69
N HIS A 26 -13.69 10.85 15.63
CA HIS A 26 -15.00 11.01 16.28
C HIS A 26 -16.08 11.25 15.26
N GLN A 27 -15.81 12.15 14.29
CA GLN A 27 -16.83 12.47 13.29
C GLN A 27 -17.15 11.27 12.41
N GLU A 28 -16.16 10.44 12.10
CA GLU A 28 -16.45 9.21 11.35
C GLU A 28 -17.37 8.31 12.16
N PHE A 29 -17.18 8.25 13.47
CA PHE A 29 -18.04 7.41 14.29
C PHE A 29 -19.41 8.04 14.58
N ILE A 30 -19.64 9.25 14.08
CA ILE A 30 -21.00 9.80 14.00
C ILE A 30 -21.60 9.57 12.63
N ASP A 31 -20.87 9.91 11.57
CA ASP A 31 -21.40 9.82 10.22
C ASP A 31 -21.75 8.38 9.83
N MET A 32 -20.94 7.40 10.25
CA MET A 32 -21.20 6.04 9.81
C MET A 32 -22.55 5.54 10.28
N PHE A 33 -23.16 6.20 11.27
CA PHE A 33 -24.45 5.79 11.81
C PHE A 33 -25.63 6.53 11.20
N GLU A 34 -25.39 7.41 10.22
CA GLU A 34 -26.47 8.23 9.67
C GLU A 34 -27.63 7.39 9.19
N GLY A 35 -28.84 7.79 9.61
CA GLY A 35 -30.05 7.15 9.18
C GLY A 35 -30.30 5.76 9.74
N ILE A 36 -29.42 5.25 10.58
CA ILE A 36 -29.59 3.90 11.12
C ILE A 36 -30.69 3.92 12.17
N GLN A 37 -31.61 2.95 12.07
CA GLN A 37 -32.78 2.90 12.92
C GLN A 37 -32.64 1.93 14.09
N ASP A 38 -31.94 0.82 13.91
CA ASP A 38 -31.85 -0.22 14.92
C ASP A 38 -30.47 -0.21 15.59
N SER A 39 -30.37 -0.93 16.70
CA SER A 39 -29.12 -0.95 17.46
C SER A 39 -28.06 -1.76 16.73
N PRO A 40 -26.81 -1.29 16.70
CA PRO A 40 -26.31 -0.06 17.35
C PRO A 40 -26.65 1.20 16.57
N ARG A 41 -27.16 2.24 17.23
CA ARG A 41 -27.52 3.49 16.58
C ARG A 41 -26.46 4.59 16.75
N ASN A 42 -25.46 4.36 17.59
CA ASN A 42 -24.37 5.30 17.82
C ASN A 42 -23.20 4.52 18.39
N TYR A 43 -22.04 5.18 18.50
CA TYR A 43 -20.85 4.44 18.91
C TYR A 43 -20.87 4.09 20.39
N GLN A 44 -21.67 4.80 21.20
CA GLN A 44 -21.86 4.37 22.58
C GLN A 44 -22.59 3.03 22.63
N GLU A 45 -23.67 2.88 21.85
CA GLU A 45 -24.36 1.60 21.79
C GLU A 45 -23.45 0.51 21.24
N LEU A 46 -22.66 0.84 20.22
CA LEU A 46 -21.70 -0.13 19.70
C LEU A 46 -20.79 -0.64 20.80
N CYS A 47 -20.27 0.27 21.62
CA CYS A 47 -19.41 -0.15 22.73
C CYS A 47 -20.16 -1.03 23.72
N ASN A 48 -21.40 -0.66 24.06
CA ASN A 48 -22.22 -1.49 24.94
C ASN A 48 -22.41 -2.87 24.36
N MET A 49 -22.72 -2.95 23.06
CA MET A 49 -22.98 -4.25 22.46
C MET A 49 -21.70 -5.08 22.36
N PHE A 50 -20.57 -4.45 22.01
CA PHE A 50 -19.29 -5.13 22.10
C PHE A 50 -19.08 -5.73 23.49
N ASN A 51 -19.40 -4.97 24.53
CA ASN A 51 -19.15 -5.44 25.88
C ASN A 51 -19.92 -6.71 26.18
N ASP A 52 -21.11 -6.85 25.61
CA ASP A 52 -21.88 -8.09 25.73
C ASP A 52 -21.33 -9.20 24.85
N ILE A 53 -20.96 -8.88 23.60
CA ILE A 53 -20.51 -9.92 22.70
C ILE A 53 -19.23 -10.55 23.21
N PHE A 54 -18.30 -9.74 23.73
CA PHE A 54 -16.99 -10.25 24.10
C PHE A 54 -17.01 -11.10 25.35
N ARG A 55 -18.14 -11.20 26.04
CA ARG A 55 -18.28 -12.07 27.21
C ARG A 55 -19.21 -13.24 26.93
N LYS A 56 -19.51 -13.50 25.66
CA LYS A 56 -20.33 -14.59 25.20
C LYS A 56 -19.63 -15.29 24.05
N ALA A 57 -20.04 -16.52 23.78
CA ALA A 57 -19.59 -17.25 22.61
C ALA A 57 -20.63 -17.15 21.49
N PRO A 58 -20.20 -17.32 20.25
CA PRO A 58 -21.16 -17.30 19.14
C PRO A 58 -22.10 -18.48 19.21
N VAL A 59 -23.28 -18.31 18.63
CA VAL A 59 -24.23 -19.40 18.45
C VAL A 59 -24.45 -19.62 16.95
N TYR A 60 -25.12 -20.71 16.63
CA TYR A 60 -25.37 -21.05 15.23
C TYR A 60 -26.62 -20.36 14.73
N GLY A 61 -26.55 -19.80 13.53
CA GLY A 61 -27.74 -19.33 12.85
C GLY A 61 -27.55 -18.14 11.95
N ASP A 62 -26.66 -17.23 12.33
CA ASP A 62 -26.41 -16.06 11.51
C ASP A 62 -25.47 -16.39 10.35
N LEU A 63 -25.51 -15.52 9.34
CA LEU A 63 -24.63 -15.68 8.18
C LEU A 63 -23.16 -15.55 8.56
N GLY A 64 -22.86 -14.64 9.47
CA GLY A 64 -21.49 -14.42 9.91
C GLY A 64 -21.42 -14.32 11.41
N PRO A 65 -20.20 -14.13 11.92
CA PRO A 65 -20.01 -14.07 13.36
C PRO A 65 -20.58 -12.77 13.93
N PRO A 66 -20.67 -12.67 15.25
CA PRO A 66 -21.53 -11.65 15.86
C PRO A 66 -21.08 -10.22 15.65
N VAL A 67 -19.77 -9.96 15.66
CA VAL A 67 -19.32 -8.59 15.46
C VAL A 67 -19.59 -8.16 14.02
N TYR A 68 -19.26 -9.01 13.05
CA TYR A 68 -19.64 -8.71 11.66
C TYR A 68 -21.11 -8.31 11.58
N MET A 69 -21.99 -9.09 12.21
CA MET A 69 -23.42 -8.86 12.02
C MET A 69 -23.82 -7.45 12.42
N ILE A 70 -23.25 -6.91 13.50
CA ILE A 70 -23.64 -5.56 13.90
C ILE A 70 -22.78 -4.48 13.27
N MET A 71 -21.67 -4.84 12.64
CA MET A 71 -20.81 -3.87 11.96
C MET A 71 -21.14 -3.70 10.48
N ALA A 72 -21.89 -4.63 9.89
CA ALA A 72 -22.02 -4.65 8.44
C ALA A 72 -22.55 -3.33 7.89
N LYS A 73 -23.58 -2.76 8.52
CA LYS A 73 -24.12 -1.49 8.04
C LYS A 73 -23.08 -0.38 8.12
N LEU A 74 -22.22 -0.41 9.14
CA LEU A 74 -21.22 0.64 9.31
C LEU A 74 -20.10 0.50 8.29
N MET A 75 -19.68 -0.73 8.04
CA MET A 75 -18.67 -1.01 7.02
C MET A 75 -19.11 -0.50 5.66
N ASN A 76 -20.43 -0.49 5.40
CA ASN A 76 -21.02 -0.18 4.12
C ASN A 76 -21.24 1.32 3.93
N THR A 77 -20.39 2.14 4.55
CA THR A 77 -20.43 3.60 4.41
C THR A 77 -19.02 4.10 4.17
N ARG A 78 -18.90 5.29 3.56
CA ARG A 78 -17.57 5.86 3.38
C ARG A 78 -16.93 6.22 4.72
N ALA A 79 -17.72 6.70 5.68
CA ALA A 79 -17.16 7.07 6.98
C ALA A 79 -16.65 5.83 7.71
N GLY A 80 -17.38 4.72 7.61
CA GLY A 80 -16.93 3.49 8.22
C GLY A 80 -15.67 2.96 7.56
N PHE A 81 -15.68 2.85 6.23
CA PHE A 81 -14.48 2.44 5.52
C PHE A 81 -13.27 3.31 5.90
N SER A 82 -13.47 4.62 6.00
CA SER A 82 -12.37 5.51 6.38
C SER A 82 -11.87 5.18 7.78
N ALA A 83 -12.77 5.06 8.75
CA ALA A 83 -12.34 4.72 10.10
C ALA A 83 -11.63 3.38 10.11
N PHE A 84 -12.16 2.41 9.40
CA PHE A 84 -11.69 1.04 9.47
C PHE A 84 -10.42 0.80 8.66
N THR A 85 -9.89 1.83 8.00
CA THR A 85 -8.60 1.72 7.33
C THR A 85 -7.56 2.64 7.96
N ARG A 86 -7.76 2.98 9.24
CA ARG A 86 -6.74 3.66 10.06
C ARG A 86 -6.01 2.62 10.90
N GLN A 87 -4.69 2.57 10.77
CA GLN A 87 -3.96 1.58 11.56
C GLN A 87 -4.11 1.82 13.07
N ARG A 88 -4.23 3.09 13.51
CA ARG A 88 -4.41 3.35 14.94
C ARG A 88 -5.69 2.70 15.46
N LEU A 89 -6.79 2.78 14.71
CA LEU A 89 -8.03 2.18 15.18
C LEU A 89 -7.93 0.67 15.17
N ASN A 90 -7.27 0.10 14.15
CA ASN A 90 -7.19 -1.34 14.08
C ASN A 90 -6.31 -1.93 15.19
N LEU A 91 -5.38 -1.16 15.76
CA LEU A 91 -4.69 -1.62 16.96
C LEU A 91 -5.68 -1.89 18.08
N HIS A 92 -6.73 -1.08 18.20
CA HIS A 92 -7.73 -1.28 19.23
C HIS A 92 -8.61 -2.49 18.91
N PHE A 93 -9.02 -2.64 17.65
CA PHE A 93 -9.78 -3.83 17.30
C PHE A 93 -8.99 -5.09 17.64
N LYS A 94 -7.68 -5.09 17.36
CA LYS A 94 -6.85 -6.24 17.70
C LYS A 94 -6.93 -6.55 19.18
N LYS A 95 -6.76 -5.53 20.02
CA LYS A 95 -6.85 -5.72 21.46
C LYS A 95 -8.22 -6.25 21.88
N LEU A 96 -9.29 -5.68 21.31
CA LEU A 96 -10.63 -6.13 21.66
C LEU A 96 -10.84 -7.60 21.29
N PHE A 97 -10.46 -7.99 20.08
CA PHE A 97 -10.72 -9.36 19.68
C PHE A 97 -9.80 -10.32 20.39
N ASP A 98 -8.56 -9.91 20.71
CA ASP A 98 -7.69 -10.75 21.52
C ASP A 98 -8.31 -10.98 22.89
N THR A 99 -8.92 -9.94 23.47
CA THR A 99 -9.60 -10.09 24.76
C THR A 99 -10.74 -11.08 24.65
N TRP A 100 -11.56 -10.93 23.62
CA TRP A 100 -12.64 -11.91 23.40
C TRP A 100 -12.07 -13.31 23.26
N GLY A 101 -10.96 -13.44 22.52
CA GLY A 101 -10.33 -14.75 22.37
C GLY A 101 -9.98 -15.42 23.67
N LEU A 102 -9.55 -14.64 24.68
CA LEU A 102 -9.29 -15.23 25.99
C LEU A 102 -10.54 -15.87 26.56
N PHE A 103 -11.69 -15.19 26.46
CA PHE A 103 -12.93 -15.79 26.93
C PHE A 103 -13.26 -17.06 26.15
N LEU A 104 -13.06 -17.02 24.83
CA LEU A 104 -13.44 -18.13 23.97
C LEU A 104 -12.54 -19.33 24.16
N SER A 105 -11.40 -19.17 24.81
CA SER A 105 -10.53 -20.30 25.15
C SER A 105 -10.78 -20.81 26.57
N SER A 106 -11.73 -20.22 27.28
CA SER A 106 -12.01 -20.53 28.67
C SER A 106 -13.18 -21.50 28.79
N LYS A 107 -13.27 -22.15 29.94
CA LYS A 107 -14.33 -23.13 30.15
C LYS A 107 -15.71 -22.48 30.16
N ASP A 108 -15.79 -21.20 30.53
CA ASP A 108 -17.07 -20.52 30.53
C ASP A 108 -17.70 -20.44 29.14
N SER A 109 -16.88 -20.51 28.09
CA SER A 109 -17.42 -20.39 26.75
C SER A 109 -18.07 -21.66 26.26
N ARG A 110 -18.07 -22.72 27.08
CA ARG A 110 -18.72 -23.95 26.68
C ARG A 110 -20.24 -23.84 26.70
N ASN A 111 -20.79 -22.74 27.22
CA ASN A 111 -22.24 -22.69 27.43
C ASN A 111 -23.03 -22.61 26.13
N VAL A 112 -22.38 -22.43 24.97
CA VAL A 112 -23.09 -22.54 23.70
C VAL A 112 -22.95 -23.92 23.08
N LEU A 113 -22.12 -24.78 23.66
CA LEU A 113 -21.93 -26.14 23.15
C LEU A 113 -22.99 -27.04 23.77
N VAL A 114 -24.23 -26.73 23.41
CA VAL A 114 -25.42 -27.36 23.97
C VAL A 114 -26.36 -27.63 22.80
N ALA A 115 -27.35 -28.48 23.05
CA ALA A 115 -28.32 -28.83 22.03
C ALA A 115 -29.54 -27.91 22.05
N ASP A 116 -29.56 -26.95 22.96
CA ASP A 116 -30.70 -26.05 23.07
C ASP A 116 -30.95 -25.32 21.75
N GLN A 117 -32.23 -25.07 21.49
CA GLN A 117 -32.65 -24.09 20.50
C GLN A 117 -32.95 -22.81 21.25
N PHE A 118 -32.35 -21.70 20.82
CA PHE A 118 -32.48 -20.44 21.54
C PHE A 118 -33.67 -19.61 21.06
N ASP A 119 -33.88 -19.54 19.75
CA ASP A 119 -35.11 -18.96 19.21
C ASP A 119 -35.34 -19.58 17.84
N ASP A 120 -36.12 -18.91 17.00
CA ASP A 120 -36.47 -19.48 15.70
C ASP A 120 -35.26 -19.64 14.79
N ARG A 121 -34.23 -18.81 14.97
CA ARG A 121 -33.11 -18.79 14.04
C ARG A 121 -31.74 -19.00 14.68
N HIS A 122 -31.66 -19.26 15.99
CA HIS A 122 -30.38 -19.48 16.65
C HIS A 122 -30.46 -20.72 17.53
N CYS A 123 -29.35 -21.46 17.60
CA CYS A 123 -29.33 -22.66 18.43
C CYS A 123 -27.90 -22.93 18.87
N GLY A 124 -27.78 -23.79 19.87
CA GLY A 124 -26.47 -24.26 20.29
C GLY A 124 -25.83 -25.13 19.24
N TRP A 125 -24.50 -25.26 19.35
CA TRP A 125 -23.75 -25.96 18.32
C TRP A 125 -23.97 -27.47 18.36
N LEU A 126 -24.60 -28.01 19.41
CA LEU A 126 -24.91 -29.42 19.43
C LEU A 126 -26.38 -29.70 19.11
N ASN A 127 -27.13 -28.68 18.74
CA ASN A 127 -28.46 -28.90 18.20
C ASN A 127 -28.34 -29.53 16.82
N GLU A 128 -29.33 -30.35 16.45
CA GLU A 128 -29.24 -31.10 15.19
C GLU A 128 -29.12 -30.16 13.99
N ARG A 129 -29.74 -28.99 14.04
CA ARG A 129 -29.63 -28.08 12.90
C ARG A 129 -28.17 -27.65 12.68
N ALA A 130 -27.45 -27.36 13.76
CA ALA A 130 -26.06 -26.96 13.63
C ALA A 130 -25.17 -28.14 13.25
N LEU A 131 -25.36 -29.29 13.91
CA LEU A 131 -24.59 -30.48 13.59
C LEU A 131 -24.72 -30.84 12.11
N SER A 132 -25.95 -30.85 11.59
CA SER A 132 -26.14 -31.20 10.18
C SER A 132 -25.46 -30.19 9.26
N ALA A 133 -25.57 -28.89 9.57
CA ALA A 133 -24.89 -27.89 8.76
C ALA A 133 -23.40 -28.15 8.73
N MET A 134 -22.82 -28.54 9.86
CA MET A 134 -21.38 -28.72 9.92
C MET A 134 -20.90 -29.95 9.16
N VAL A 135 -21.77 -30.92 8.89
CA VAL A 135 -21.33 -32.11 8.15
C VAL A 135 -21.95 -32.16 6.75
N LYS A 136 -22.42 -31.01 6.23
CA LYS A 136 -23.05 -30.98 4.92
C LYS A 136 -22.17 -31.63 3.85
N HIS A 137 -20.86 -31.36 3.88
CA HIS A 137 -19.96 -31.84 2.83
C HIS A 137 -19.21 -33.10 3.22
N TYR A 138 -19.79 -33.94 4.08
CA TYR A 138 -19.12 -35.16 4.51
C TYR A 138 -19.91 -36.41 4.17
N ASN A 139 -20.75 -36.36 3.15
CA ASN A 139 -21.26 -37.56 2.48
C ASN A 139 -22.04 -38.46 3.43
N GLY A 140 -22.82 -37.84 4.33
CA GLY A 140 -23.69 -38.59 5.20
C GLY A 140 -23.11 -39.00 6.54
N ARG A 141 -21.82 -38.81 6.75
CA ARG A 141 -21.22 -39.14 8.04
C ARG A 141 -21.65 -38.11 9.09
N ALA A 142 -21.78 -38.59 10.32
CA ALA A 142 -22.26 -37.74 11.42
C ALA A 142 -21.12 -36.91 12.00
N PHE A 143 -21.49 -35.84 12.71
CA PHE A 143 -20.50 -34.95 13.30
C PHE A 143 -19.48 -35.73 14.14
N ASP A 144 -19.96 -36.64 14.99
CA ASP A 144 -19.05 -37.37 15.87
C ASP A 144 -18.24 -38.43 15.14
N GLU A 145 -18.60 -38.79 13.91
CA GLU A 145 -17.72 -39.64 13.10
C GLU A 145 -16.62 -38.81 12.43
N VAL A 146 -16.98 -37.61 11.96
CA VAL A 146 -16.05 -36.78 11.21
C VAL A 146 -15.04 -36.14 12.14
N PHE A 147 -15.50 -35.67 13.30
CA PHE A 147 -14.65 -34.86 14.17
C PHE A 147 -14.36 -35.58 15.48
N LEU A 148 -13.18 -35.29 16.02
CA LEU A 148 -12.73 -35.89 17.26
C LEU A 148 -13.48 -35.25 18.43
N CYS A 149 -14.28 -36.06 19.13
CA CYS A 149 -15.11 -35.55 20.20
C CYS A 149 -15.64 -36.77 20.95
N ASP A 150 -16.36 -36.50 22.03
CA ASP A 150 -17.04 -37.56 22.80
C ASP A 150 -18.52 -37.20 22.82
N LYS A 151 -19.31 -37.84 21.94
CA LYS A 151 -20.71 -37.47 21.81
C LYS A 151 -21.51 -37.75 23.09
N ASN A 152 -20.96 -38.53 24.02
CA ASN A 152 -21.65 -38.86 25.26
C ASN A 152 -21.24 -37.98 26.43
N ALA A 153 -20.34 -37.00 26.19
CA ALA A 153 -19.86 -36.12 27.24
C ALA A 153 -20.55 -34.77 27.15
N PRO A 154 -20.70 -34.08 28.28
CA PRO A 154 -21.14 -32.68 28.23
C PRO A 154 -20.27 -31.92 27.24
N TYR A 155 -20.91 -31.05 26.46
CA TYR A 155 -20.20 -30.19 25.51
C TYR A 155 -19.46 -30.99 24.45
N TYR A 156 -19.85 -32.25 24.25
CA TYR A 156 -19.15 -33.17 23.35
C TYR A 156 -17.68 -33.32 23.71
N GLY A 157 -17.32 -33.06 24.97
CA GLY A 157 -15.96 -33.19 25.42
C GLY A 157 -15.07 -32.00 25.13
N PHE A 158 -15.57 -30.99 24.45
CA PHE A 158 -14.74 -29.83 24.13
C PHE A 158 -14.52 -28.97 25.37
N ASN A 159 -13.32 -28.40 25.47
CA ASN A 159 -12.92 -27.65 26.66
C ASN A 159 -13.28 -26.17 26.58
N SER A 160 -13.66 -25.68 25.41
CA SER A 160 -13.91 -24.25 25.21
C SER A 160 -14.55 -24.11 23.84
N TYR A 161 -15.07 -22.91 23.57
CA TYR A 161 -15.54 -22.64 22.21
C TYR A 161 -14.40 -22.73 21.20
N ASP A 162 -13.21 -22.24 21.57
CA ASP A 162 -12.08 -22.32 20.64
C ASP A 162 -11.72 -23.77 20.31
N ASP A 163 -11.81 -24.66 21.31
CA ASP A 163 -11.51 -26.07 21.09
C ASP A 163 -12.47 -26.67 20.07
N PHE A 164 -13.75 -26.32 20.19
CA PHE A 164 -14.76 -26.75 19.24
C PHE A 164 -14.53 -26.13 17.86
N PHE A 165 -14.29 -24.82 17.83
CA PHE A 165 -14.00 -24.12 16.58
C PHE A 165 -12.85 -24.77 15.84
N ASN A 166 -11.83 -25.19 16.58
CA ASN A 166 -10.64 -25.81 16.02
C ASN A 166 -10.65 -27.32 16.22
N ARG A 167 -11.84 -27.91 16.21
CA ARG A 167 -11.95 -29.36 16.29
C ARG A 167 -11.12 -30.01 15.19
N ARG A 168 -10.65 -31.24 15.48
CA ARG A 168 -9.82 -32.00 14.56
C ARG A 168 -10.64 -33.10 13.89
N PHE A 169 -10.14 -33.61 12.77
CA PHE A 169 -10.74 -34.79 12.15
C PHE A 169 -10.41 -36.05 12.94
N ARG A 170 -11.43 -36.90 13.10
CA ARG A 170 -11.22 -38.17 13.78
C ARG A 170 -10.51 -39.18 12.89
N ASN A 171 -10.83 -39.17 11.59
N ASN A 171 -10.85 -39.20 11.59
CA ASN A 171 -10.25 -40.13 10.66
CA ASN A 171 -10.27 -40.16 10.64
C ASN A 171 -10.18 -39.49 9.27
C ASN A 171 -10.20 -39.48 9.27
N ARG A 172 -9.18 -38.63 9.08
CA ARG A 172 -9.08 -37.90 7.82
C ARG A 172 -8.88 -38.84 6.63
N ASP A 173 -8.30 -40.03 6.83
CA ASP A 173 -8.15 -40.92 5.69
C ASP A 173 -9.51 -41.37 5.13
N ILE A 174 -10.55 -41.35 5.95
CA ILE A 174 -11.91 -41.59 5.46
C ILE A 174 -12.54 -40.31 4.90
N ASP A 175 -12.55 -39.24 5.69
CA ASP A 175 -13.37 -38.07 5.36
C ASP A 175 -12.67 -37.06 4.47
N ARG A 176 -11.36 -36.90 4.59
CA ARG A 176 -10.62 -35.88 3.84
C ARG A 176 -9.27 -36.45 3.47
N PRO A 177 -9.23 -37.46 2.61
CA PRO A 177 -7.97 -38.12 2.31
C PRO A 177 -7.00 -37.20 1.59
N VAL A 178 -5.72 -37.49 1.75
CA VAL A 178 -4.69 -36.80 0.98
C VAL A 178 -4.71 -37.40 -0.42
N VAL A 179 -5.49 -36.79 -1.32
CA VAL A 179 -5.80 -37.43 -2.59
C VAL A 179 -4.55 -37.60 -3.41
N GLY A 180 -4.38 -38.79 -3.99
CA GLY A 180 -3.21 -39.08 -4.80
C GLY A 180 -2.04 -39.66 -4.02
N GLY A 181 -2.10 -39.63 -2.71
CA GLY A 181 -1.03 -40.18 -1.89
C GLY A 181 0.01 -39.16 -1.49
N VAL A 182 0.37 -39.17 -0.21
CA VAL A 182 1.32 -38.20 0.31
C VAL A 182 2.65 -38.27 -0.41
N ASN A 183 3.02 -39.45 -0.91
CA ASN A 183 4.35 -39.58 -1.49
C ASN A 183 4.45 -39.00 -2.89
N ASN A 184 3.34 -38.65 -3.53
CA ASN A 184 3.37 -38.03 -4.85
C ASN A 184 3.66 -36.55 -4.67
N THR A 185 4.91 -36.15 -4.92
CA THR A 185 5.36 -34.79 -4.66
C THR A 185 4.93 -33.79 -5.72
N THR A 186 4.22 -34.23 -6.76
CA THR A 186 3.79 -33.34 -7.84
C THR A 186 2.43 -32.71 -7.58
N LEU A 187 1.80 -33.03 -6.46
CA LEU A 187 0.42 -32.62 -6.20
C LEU A 187 0.39 -31.56 -5.11
N ILE A 188 -0.53 -30.61 -5.25
CA ILE A 188 -0.75 -29.57 -4.26
C ILE A 188 -2.19 -29.69 -3.78
N SER A 189 -2.35 -29.78 -2.45
CA SER A 189 -3.66 -29.94 -1.82
C SER A 189 -4.18 -28.61 -1.29
N ALA A 190 -5.51 -28.58 -1.10
CA ALA A 190 -6.15 -27.45 -0.44
C ALA A 190 -5.72 -27.37 1.03
N ALA A 191 -5.26 -26.19 1.44
CA ALA A 191 -4.81 -25.99 2.80
C ALA A 191 -5.97 -25.78 3.78
N CYS A 192 -7.14 -25.42 3.27
CA CYS A 192 -8.31 -25.12 4.09
C CYS A 192 -9.55 -25.71 3.47
N GLU A 193 -10.45 -26.18 4.34
CA GLU A 193 -11.79 -26.56 3.96
C GLU A 193 -12.59 -25.31 3.62
N SER A 194 -13.09 -25.21 2.40
CA SER A 194 -13.50 -23.89 1.94
C SER A 194 -14.42 -24.01 0.73
N LEU A 195 -14.86 -22.85 0.24
CA LEU A 195 -15.50 -22.72 -1.06
C LEU A 195 -14.60 -21.87 -1.94
N SER A 196 -14.44 -22.27 -3.20
CA SER A 196 -13.63 -21.44 -4.07
C SER A 196 -14.21 -20.03 -4.15
N TYR A 197 -13.33 -19.05 -4.08
CA TYR A 197 -13.76 -17.65 -4.21
C TYR A 197 -13.25 -17.01 -5.48
N ASN A 198 -11.99 -17.21 -5.81
CA ASN A 198 -11.42 -16.57 -6.98
C ASN A 198 -10.17 -17.30 -7.43
N VAL A 199 -9.97 -17.35 -8.74
CA VAL A 199 -8.70 -17.73 -9.32
C VAL A 199 -8.26 -16.61 -10.25
N SER A 200 -7.04 -16.12 -10.07
CA SER A 200 -6.46 -15.11 -10.94
C SER A 200 -5.18 -15.61 -11.57
N TYR A 201 -4.97 -15.28 -12.83
CA TYR A 201 -3.74 -15.60 -13.53
C TYR A 201 -2.97 -14.33 -13.85
N ASP A 202 -1.66 -14.50 -14.10
CA ASP A 202 -0.79 -13.41 -14.52
C ASP A 202 -0.81 -12.27 -13.50
N VAL A 203 -0.71 -12.63 -12.21
CA VAL A 203 -0.92 -11.63 -11.17
C VAL A 203 0.25 -10.66 -11.10
N GLN A 204 -0.03 -9.45 -10.60
CA GLN A 204 0.90 -8.33 -10.68
C GLN A 204 0.81 -7.52 -9.39
N SER A 205 1.61 -6.44 -9.34
CA SER A 205 1.56 -5.49 -8.23
C SER A 205 1.01 -4.17 -8.73
N LEU A 206 0.32 -3.49 -7.83
CA LEU A 206 -0.35 -2.22 -8.08
C LEU A 206 0.25 -1.19 -7.15
N ASP A 207 0.32 0.06 -7.60
CA ASP A 207 0.80 1.10 -6.71
C ASP A 207 -0.25 1.53 -5.72
N THR A 208 -1.53 1.47 -6.10
CA THR A 208 -2.63 1.82 -5.22
C THR A 208 -3.76 0.83 -5.41
N LEU A 209 -4.54 0.64 -4.34
CA LEU A 209 -5.71 -0.24 -4.35
C LEU A 209 -6.99 0.57 -4.56
N VAL A 210 -7.06 1.21 -5.72
CA VAL A 210 -8.15 2.09 -6.11
C VAL A 210 -8.50 1.76 -7.55
N PHE A 211 -9.74 1.36 -7.80
CA PHE A 211 -10.21 1.00 -9.16
C PHE A 211 -9.46 -0.27 -9.59
N LYS A 212 -9.13 -0.40 -10.87
CA LYS A 212 -8.25 -1.46 -11.37
C LYS A 212 -8.80 -2.85 -11.05
N GLY A 213 -10.12 -2.96 -10.98
CA GLY A 213 -10.74 -4.23 -10.68
C GLY A 213 -10.62 -4.67 -9.23
N GLU A 214 -9.98 -3.87 -8.38
CA GLU A 214 -9.84 -4.20 -6.96
C GLU A 214 -9.33 -5.63 -6.80
N THR A 215 -8.29 -5.94 -7.59
CA THR A 215 -7.72 -7.27 -7.74
C THR A 215 -6.56 -7.46 -6.77
N TYR A 216 -5.80 -8.56 -6.91
CA TYR A 216 -4.61 -8.73 -6.08
C TYR A 216 -3.53 -7.73 -6.47
N SER A 217 -2.80 -7.25 -5.47
CA SER A 217 -1.52 -6.57 -5.70
C SER A 217 -0.46 -7.33 -4.90
N LEU A 218 0.42 -8.04 -5.62
CA LEU A 218 1.37 -8.93 -4.95
C LEU A 218 2.14 -8.19 -3.85
N LYS A 219 2.62 -6.98 -4.15
CA LYS A 219 3.44 -6.31 -3.15
C LYS A 219 2.61 -5.94 -1.91
N HIS A 220 1.32 -5.69 -2.07
CA HIS A 220 0.46 -5.48 -0.90
C HIS A 220 0.21 -6.81 -0.19
N LEU A 221 -0.36 -7.76 -0.92
CA LEU A 221 -0.68 -9.07 -0.36
C LEU A 221 0.49 -9.65 0.44
N LEU A 222 1.69 -9.62 -0.14
CA LEU A 222 2.89 -10.19 0.45
C LEU A 222 3.69 -9.18 1.26
N ASN A 223 3.12 -8.01 1.51
CA ASN A 223 3.73 -6.99 2.36
C ASN A 223 5.17 -6.70 1.94
N ASN A 224 5.38 -6.55 0.64
CA ASN A 224 6.68 -6.16 0.08
C ASN A 224 7.79 -7.13 0.45
N ASP A 225 7.44 -8.41 0.63
CA ASP A 225 8.47 -9.39 0.90
C ASP A 225 9.51 -9.40 -0.22
N PRO A 226 10.78 -9.65 0.12
CA PRO A 226 11.79 -9.84 -0.94
C PRO A 226 11.46 -10.95 -1.93
N PHE A 227 10.63 -11.91 -1.57
CA PHE A 227 10.24 -12.97 -2.51
C PHE A 227 9.21 -12.50 -3.53
N THR A 228 8.60 -11.33 -3.33
CA THR A 228 7.48 -10.92 -4.16
C THR A 228 7.78 -11.02 -5.66
N PRO A 229 8.93 -10.56 -6.16
CA PRO A 229 9.16 -10.62 -7.61
C PRO A 229 9.05 -12.02 -8.19
N GLN A 230 9.36 -13.06 -7.41
CA GLN A 230 9.28 -14.41 -7.94
C GLN A 230 7.86 -14.79 -8.32
N PHE A 231 6.85 -14.08 -7.80
CA PHE A 231 5.46 -14.42 -8.04
C PHE A 231 4.79 -13.53 -9.06
N GLU A 232 5.51 -12.52 -9.57
CA GLU A 232 4.95 -11.73 -10.66
C GLU A 232 4.67 -12.64 -11.85
N HIS A 233 3.51 -12.45 -12.47
CA HIS A 233 2.99 -13.28 -13.56
C HIS A 233 2.52 -14.65 -13.10
N GLY A 234 2.45 -14.89 -11.79
CA GLY A 234 2.01 -16.17 -11.27
C GLY A 234 0.49 -16.27 -11.19
N SER A 235 0.01 -17.25 -10.42
CA SER A 235 -1.42 -17.47 -10.29
C SER A 235 -1.77 -17.62 -8.83
N ILE A 236 -3.02 -17.29 -8.49
CA ILE A 236 -3.50 -17.37 -7.13
C ILE A 236 -4.87 -18.05 -7.11
N LEU A 237 -5.05 -19.00 -6.19
CA LEU A 237 -6.33 -19.57 -5.85
C LEU A 237 -6.71 -19.11 -4.45
N GLN A 238 -7.91 -18.57 -4.30
CA GLN A 238 -8.38 -18.07 -3.01
C GLN A 238 -9.69 -18.77 -2.65
N GLY A 239 -9.79 -19.23 -1.40
CA GLY A 239 -10.98 -19.89 -0.88
C GLY A 239 -11.58 -19.12 0.29
N PHE A 240 -12.85 -19.38 0.56
CA PHE A 240 -13.59 -18.77 1.66
C PHE A 240 -14.05 -19.86 2.60
N LEU A 241 -13.69 -19.72 3.87
CA LEU A 241 -14.13 -20.61 4.95
C LEU A 241 -15.34 -19.97 5.61
N ASN A 242 -16.49 -20.64 5.52
CA ASN A 242 -17.70 -20.06 6.09
C ASN A 242 -17.81 -20.40 7.58
N VAL A 243 -18.86 -19.90 8.22
CA VAL A 243 -18.92 -19.96 9.68
C VAL A 243 -18.97 -21.39 10.22
N THR A 244 -19.37 -22.36 9.42
CA THR A 244 -19.43 -23.73 9.91
C THR A 244 -18.26 -24.60 9.45
N ALA A 245 -17.32 -24.05 8.70
CA ALA A 245 -16.23 -24.86 8.18
C ALA A 245 -15.21 -25.20 9.26
N TYR A 246 -14.60 -26.37 9.10
CA TYR A 246 -13.32 -26.67 9.75
C TYR A 246 -12.35 -25.51 9.51
N HIS A 247 -11.66 -25.08 10.58
CA HIS A 247 -10.88 -23.85 10.52
C HIS A 247 -9.40 -24.05 10.81
N ARG A 248 -8.91 -25.29 10.77
CA ARG A 248 -7.49 -25.55 10.86
C ARG A 248 -6.87 -25.49 9.45
N TRP A 249 -5.55 -25.41 9.40
CA TRP A 249 -4.79 -25.36 8.16
C TRP A 249 -3.98 -26.64 8.02
N HIS A 250 -3.91 -27.17 6.80
CA HIS A 250 -3.09 -28.32 6.47
C HIS A 250 -2.02 -27.94 5.46
N ALA A 251 -0.91 -28.67 5.49
CA ALA A 251 0.18 -28.38 4.55
C ALA A 251 -0.27 -28.70 3.13
N PRO A 252 -0.04 -27.81 2.16
CA PRO A 252 -0.53 -28.05 0.80
C PRO A 252 0.40 -28.89 -0.05
N VAL A 253 1.65 -29.07 0.38
CA VAL A 253 2.66 -29.78 -0.40
C VAL A 253 3.67 -30.37 0.57
N ASN A 254 4.34 -31.43 0.11
CA ASN A 254 5.57 -31.86 0.75
C ASN A 254 6.62 -30.77 0.53
N GLY A 255 7.20 -30.26 1.60
CA GLY A 255 8.14 -29.17 1.43
C GLY A 255 8.62 -28.65 2.76
N THR A 256 9.39 -27.58 2.69
CA THR A 256 10.01 -26.98 3.86
C THR A 256 9.46 -25.58 4.09
N ILE A 257 9.07 -25.29 5.33
CA ILE A 257 8.64 -23.95 5.68
C ILE A 257 9.82 -23.01 5.57
N VAL A 258 9.71 -21.99 4.71
CA VAL A 258 10.82 -21.07 4.52
C VAL A 258 10.68 -19.85 5.43
N LYS A 259 9.50 -19.25 5.48
CA LYS A 259 9.35 -17.96 6.15
C LYS A 259 7.90 -17.78 6.55
N ILE A 260 7.66 -17.31 7.77
CA ILE A 260 6.33 -16.99 8.27
C ILE A 260 6.31 -15.53 8.68
N ILE A 261 5.35 -14.76 8.15
CA ILE A 261 5.24 -13.33 8.47
C ILE A 261 3.82 -13.01 8.90
N ASN A 262 3.68 -12.44 10.10
CA ASN A 262 2.39 -11.96 10.56
C ASN A 262 2.29 -10.47 10.26
N VAL A 263 1.24 -10.06 9.56
CA VAL A 263 1.12 -8.68 9.08
C VAL A 263 -0.10 -8.04 9.73
N PRO A 264 0.06 -6.98 10.50
CA PRO A 264 -1.11 -6.25 11.01
C PRO A 264 -1.90 -5.67 9.86
N GLY A 265 -3.21 -5.56 10.05
CA GLY A 265 -4.04 -5.03 8.98
C GLY A 265 -5.44 -4.68 9.36
N THR A 266 -6.35 -4.73 8.39
CA THR A 266 -7.75 -4.37 8.60
C THR A 266 -8.56 -5.57 9.09
N TYR A 267 -9.74 -5.25 9.60
CA TYR A 267 -10.78 -6.17 10.05
C TYR A 267 -12.10 -5.94 9.36
N PHE A 268 -12.45 -4.69 9.07
CA PHE A 268 -13.79 -4.32 8.64
C PHE A 268 -13.79 -3.53 7.34
N ALA A 269 -12.74 -3.67 6.55
CA ALA A 269 -12.63 -2.96 5.28
C ALA A 269 -13.20 -3.83 4.16
N GLN A 270 -14.27 -3.36 3.55
CA GLN A 270 -14.78 -3.96 2.33
C GLN A 270 -14.24 -3.17 1.13
N ALA A 271 -14.50 -3.69 -0.06
CA ALA A 271 -14.00 -3.04 -1.27
C ALA A 271 -14.73 -1.71 -1.46
N PRO A 272 -14.00 -0.62 -1.73
CA PRO A 272 -14.67 0.68 -1.85
C PRO A 272 -15.76 0.72 -2.91
N SER A 273 -15.59 -0.02 -4.01
CA SER A 273 -16.61 0.00 -5.05
C SER A 273 -17.95 -0.56 -4.58
N THR A 274 -17.97 -1.32 -3.49
CA THR A 274 -19.19 -1.94 -3.01
C THR A 274 -19.91 -1.09 -1.97
N ILE A 275 -19.32 0.03 -1.55
CA ILE A 275 -19.92 0.84 -0.50
C ILE A 275 -21.28 1.34 -0.97
N GLY A 276 -22.32 1.01 -0.22
CA GLY A 276 -23.68 1.38 -0.57
C GLY A 276 -24.50 0.27 -1.21
N ASP A 277 -23.86 -0.81 -1.63
CA ASP A 277 -24.61 -1.93 -2.16
C ASP A 277 -25.58 -2.46 -1.10
N PRO A 278 -26.69 -3.06 -1.52
CA PRO A 278 -27.62 -3.62 -0.53
C PRO A 278 -26.99 -4.74 0.29
N ILE A 279 -27.39 -4.82 1.54
CA ILE A 279 -27.06 -5.93 2.41
C ILE A 279 -28.28 -6.84 2.45
N PRO A 280 -28.28 -7.97 1.74
CA PRO A 280 -29.49 -8.79 1.65
C PRO A 280 -29.93 -9.29 3.01
N ASP A 281 -31.24 -9.39 3.20
CA ASP A 281 -31.83 -9.90 4.44
C ASP A 281 -32.09 -11.41 4.36
N ASN A 282 -31.05 -12.13 3.95
CA ASN A 282 -31.11 -13.58 3.82
C ASN A 282 -29.68 -14.10 3.82
N ASP A 283 -29.54 -15.43 3.83
CA ASP A 283 -28.23 -16.04 3.96
C ASP A 283 -27.66 -16.54 2.64
N TYR A 284 -28.31 -16.24 1.51
CA TYR A 284 -27.84 -16.76 0.23
C TYR A 284 -27.40 -15.71 -0.78
N ASP A 285 -27.93 -14.49 -0.71
CA ASP A 285 -27.44 -13.41 -1.57
C ASP A 285 -26.28 -12.71 -0.89
N PRO A 286 -25.08 -12.72 -1.45
CA PRO A 286 -23.88 -12.28 -0.71
C PRO A 286 -23.91 -10.78 -0.44
N PRO A 287 -23.55 -10.37 0.78
CA PRO A 287 -23.44 -8.95 1.08
C PRO A 287 -22.11 -8.40 0.59
N PRO A 288 -21.94 -7.08 0.62
CA PRO A 288 -20.73 -6.48 0.01
C PRO A 288 -19.42 -6.98 0.59
N TYR A 289 -19.34 -7.18 1.91
CA TYR A 289 -18.08 -7.67 2.48
C TYR A 289 -17.69 -9.01 1.89
N LEU A 290 -18.69 -9.88 1.64
CA LEU A 290 -18.39 -11.19 1.05
C LEU A 290 -18.19 -11.12 -0.46
N LYS A 291 -18.32 -9.93 -1.05
CA LYS A 291 -17.87 -9.69 -2.41
C LYS A 291 -16.52 -8.98 -2.46
N SER A 292 -15.82 -8.90 -1.32
CA SER A 292 -14.60 -8.11 -1.20
C SER A 292 -13.37 -8.94 -0.87
N LEU A 293 -13.45 -10.27 -0.91
CA LEU A 293 -12.34 -11.07 -0.37
C LEU A 293 -11.04 -10.85 -1.15
N VAL A 294 -11.11 -10.65 -2.47
CA VAL A 294 -9.88 -10.38 -3.22
C VAL A 294 -9.31 -9.03 -2.81
N TYR A 295 -10.17 -8.01 -2.72
CA TYR A 295 -9.71 -6.69 -2.32
C TYR A 295 -9.01 -6.74 -0.98
N PHE A 296 -9.65 -7.31 0.05
CA PHE A 296 -9.05 -7.16 1.36
C PHE A 296 -7.99 -8.20 1.66
N SER A 297 -7.78 -9.19 0.77
CA SER A 297 -6.58 -10.02 0.89
C SER A 297 -5.33 -9.15 0.91
N ASN A 298 -5.38 -7.98 0.24
CA ASN A 298 -4.25 -7.08 0.16
C ASN A 298 -3.96 -6.34 1.47
N ILE A 299 -4.93 -6.23 2.38
CA ILE A 299 -4.79 -5.31 3.50
C ILE A 299 -5.25 -5.88 4.85
N ALA A 300 -5.94 -7.01 4.84
CA ALA A 300 -6.46 -7.57 6.09
C ALA A 300 -5.33 -8.07 6.99
N ALA A 301 -5.58 -8.08 8.29
CA ALA A 301 -4.69 -8.82 9.19
C ALA A 301 -4.51 -10.23 8.62
N ARG A 302 -3.26 -10.67 8.48
CA ARG A 302 -3.01 -11.88 7.69
C ARG A 302 -1.65 -12.46 8.07
N GLN A 303 -1.47 -13.74 7.75
CA GLN A 303 -0.18 -14.39 7.87
C GLN A 303 0.26 -14.87 6.50
N ILE A 304 1.49 -14.56 6.13
CA ILE A 304 2.10 -15.03 4.90
C ILE A 304 3.03 -16.17 5.25
N MET A 305 2.91 -17.28 4.51
CA MET A 305 3.80 -18.41 4.74
C MET A 305 4.39 -18.84 3.41
N PHE A 306 5.72 -18.80 3.30
CA PHE A 306 6.40 -19.30 2.11
C PHE A 306 6.88 -20.72 2.36
N ILE A 307 6.63 -21.61 1.41
CA ILE A 307 7.01 -23.01 1.50
C ILE A 307 7.79 -23.38 0.24
N GLU A 308 8.93 -24.04 0.41
CA GLU A 308 9.70 -24.56 -0.71
C GLU A 308 9.33 -26.04 -0.87
N ALA A 309 8.59 -26.35 -1.93
CA ALA A 309 8.21 -27.73 -2.18
C ALA A 309 9.45 -28.61 -2.37
N ASP A 310 9.35 -29.86 -1.91
CA ASP A 310 10.39 -30.85 -2.21
C ASP A 310 10.57 -31.01 -3.71
N ASN A 311 9.47 -30.99 -4.45
CA ASN A 311 9.53 -31.05 -5.90
C ASN A 311 9.84 -29.64 -6.43
N LYS A 312 11.03 -29.47 -7.01
CA LYS A 312 11.42 -28.13 -7.43
C LYS A 312 10.75 -27.70 -8.74
N GLU A 313 10.05 -28.60 -9.43
CA GLU A 313 9.14 -28.16 -10.49
C GLU A 313 7.94 -27.42 -9.91
N ILE A 314 7.65 -27.60 -8.63
CA ILE A 314 6.73 -26.73 -7.92
C ILE A 314 7.48 -25.61 -7.23
N GLY A 315 8.53 -25.96 -6.49
CA GLY A 315 9.42 -24.96 -5.92
C GLY A 315 8.72 -24.09 -4.89
N LEU A 316 9.11 -22.82 -4.86
CA LEU A 316 8.62 -21.90 -3.86
C LEU A 316 7.17 -21.53 -4.14
N ILE A 317 6.31 -21.70 -3.14
CA ILE A 317 4.91 -21.29 -3.19
C ILE A 317 4.64 -20.38 -2.00
N PHE A 318 3.47 -19.73 -2.01
CA PHE A 318 3.04 -19.04 -0.80
C PHE A 318 1.61 -19.42 -0.43
N LEU A 319 1.35 -19.33 0.85
CA LEU A 319 0.00 -19.29 1.40
C LEU A 319 -0.16 -17.97 2.11
N VAL A 320 -1.35 -17.37 1.98
CA VAL A 320 -1.72 -16.27 2.86
C VAL A 320 -2.99 -16.67 3.57
N PHE A 321 -2.96 -16.65 4.88
CA PHE A 321 -4.13 -16.88 5.70
C PHE A 321 -4.68 -15.52 6.07
N ILE A 322 -5.91 -15.27 5.67
CA ILE A 322 -6.48 -13.93 5.58
C ILE A 322 -7.58 -13.80 6.62
N GLY A 323 -7.41 -12.85 7.55
CA GLY A 323 -8.44 -12.63 8.56
C GLY A 323 -9.73 -12.09 7.96
N MET A 324 -10.83 -12.33 8.67
CA MET A 324 -12.10 -11.70 8.35
C MET A 324 -12.78 -11.30 9.65
N THR A 325 -13.06 -10.01 9.78
CA THR A 325 -13.61 -9.40 11.00
C THR A 325 -12.97 -10.02 12.25
N GLU A 326 -13.78 -10.54 13.18
CA GLU A 326 -13.24 -11.01 14.45
C GLU A 326 -12.47 -12.32 14.34
N ILE A 327 -12.54 -13.01 13.20
CA ILE A 327 -11.78 -14.24 13.03
C ILE A 327 -10.51 -13.91 12.25
N SER A 328 -9.54 -13.30 12.94
CA SER A 328 -8.37 -12.76 12.28
C SER A 328 -7.06 -13.18 12.93
N THR A 329 -7.07 -14.01 13.97
CA THR A 329 -5.83 -14.56 14.48
C THR A 329 -5.40 -15.74 13.62
N CYS A 330 -4.16 -15.69 13.13
CA CYS A 330 -3.57 -16.73 12.31
C CYS A 330 -2.43 -17.34 13.12
N GLU A 331 -2.60 -18.58 13.58
CA GLU A 331 -1.59 -19.27 14.38
C GLU A 331 -0.95 -20.37 13.56
N ALA A 332 0.33 -20.19 13.22
CA ALA A 332 1.11 -21.29 12.67
C ALA A 332 1.58 -22.20 13.80
N THR A 333 1.46 -23.51 13.60
CA THR A 333 2.00 -24.46 14.56
C THR A 333 3.25 -25.16 14.03
N VAL A 334 3.74 -24.73 12.87
CA VAL A 334 5.01 -25.19 12.33
C VAL A 334 6.01 -24.05 12.45
N SER A 335 7.29 -24.40 12.43
CA SER A 335 8.38 -23.44 12.53
C SER A 335 9.12 -23.31 11.19
N GLU A 336 9.74 -22.16 11.00
CA GLU A 336 10.62 -21.99 9.85
C GLU A 336 11.72 -23.05 9.87
N GLY A 337 11.98 -23.65 8.70
CA GLY A 337 12.94 -24.72 8.57
C GLY A 337 12.38 -26.13 8.73
N GLN A 338 11.12 -26.25 9.16
CA GLN A 338 10.50 -27.55 9.39
C GLN A 338 10.02 -28.16 8.07
N HIS A 339 10.26 -29.46 7.89
CA HIS A 339 9.67 -30.18 6.78
C HIS A 339 8.24 -30.60 7.10
N VAL A 340 7.36 -30.46 6.12
CA VAL A 340 5.99 -30.92 6.26
C VAL A 340 5.64 -31.80 5.08
N ASN A 341 4.73 -32.73 5.30
CA ASN A 341 4.12 -33.49 4.22
C ASN A 341 2.71 -32.97 3.97
N ARG A 342 2.30 -33.07 2.72
CA ARG A 342 0.94 -32.68 2.32
C ARG A 342 -0.09 -33.34 3.24
N GLY A 343 -0.98 -32.50 3.81
CA GLY A 343 -1.97 -32.97 4.75
C GLY A 343 -1.63 -32.76 6.23
N ASP A 344 -0.36 -32.50 6.55
CA ASP A 344 0.05 -32.34 7.94
C ASP A 344 -0.58 -31.09 8.56
N ASP A 345 -0.74 -31.13 9.88
CA ASP A 345 -1.20 -29.96 10.63
C ASP A 345 -0.26 -28.80 10.39
N LEU A 346 -0.82 -27.65 10.02
CA LEU A 346 -0.03 -26.47 9.69
C LEU A 346 -0.28 -25.29 10.62
N GLY A 347 -1.49 -25.18 11.16
CA GLY A 347 -1.88 -24.06 12.02
C GLY A 347 -3.40 -23.96 12.03
N MET A 348 -3.89 -22.80 12.46
CA MET A 348 -5.33 -22.63 12.47
C MET A 348 -5.70 -21.16 12.65
N PHE A 349 -6.95 -20.84 12.34
CA PHE A 349 -7.54 -19.55 12.67
C PHE A 349 -8.08 -19.57 14.10
N HIS A 350 -8.10 -18.40 14.72
CA HIS A 350 -8.83 -18.21 15.99
C HIS A 350 -9.62 -16.90 15.91
N PHE A 351 -10.68 -16.83 16.72
CA PHE A 351 -11.23 -15.54 17.07
C PHE A 351 -10.13 -14.73 17.76
N GLY A 352 -9.93 -13.50 17.31
CA GLY A 352 -8.84 -12.68 17.80
C GLY A 352 -8.37 -11.74 16.71
N GLY A 353 -7.44 -10.88 17.10
CA GLY A 353 -6.91 -9.89 16.17
C GLY A 353 -5.71 -10.35 15.38
C PYR B 1 -11.49 -17.27 5.68
O PYR B 1 -12.49 -17.34 4.74
CA PYR B 1 -12.09 -16.81 6.99
O3 PYR B 1 -13.25 -16.96 7.20
CB PYR B 1 -11.17 -16.06 7.96
N SER B 2 -10.28 -16.72 5.19
CA SER B 2 -9.96 -16.91 3.79
C SER B 2 -8.53 -17.35 3.67
N PHE B 3 -8.16 -17.96 2.55
CA PHE B 3 -6.76 -18.27 2.32
C PHE B 3 -6.49 -18.16 0.83
N ALA B 4 -5.24 -17.87 0.50
CA ALA B 4 -4.80 -17.79 -0.87
C ALA B 4 -3.58 -18.66 -1.03
N LEU B 5 -3.55 -19.40 -2.14
CA LEU B 5 -2.40 -20.19 -2.56
C LEU B 5 -1.79 -19.48 -3.76
N GLY B 6 -0.51 -19.20 -3.69
CA GLY B 6 0.19 -18.51 -4.76
C GLY B 6 1.24 -19.39 -5.41
N LEU B 7 1.20 -19.45 -6.74
CA LEU B 7 2.12 -20.25 -7.55
C LEU B 7 2.90 -19.33 -8.48
N ARG B 8 4.19 -19.62 -8.63
CA ARG B 8 5.02 -18.87 -9.57
C ARG B 8 4.67 -19.27 -11.00
N LYS B 9 4.97 -18.36 -11.93
CA LYS B 9 4.64 -18.63 -13.34
C LYS B 9 5.30 -19.91 -13.83
N ASP B 10 6.53 -20.17 -13.41
CA ASP B 10 7.27 -21.38 -13.80
C ASP B 10 6.80 -22.64 -13.09
N CYS B 11 5.98 -22.52 -12.04
CA CYS B 11 5.44 -23.71 -11.39
C CYS B 11 4.73 -24.58 -12.42
N ARG B 12 5.13 -25.84 -12.50
CA ARG B 12 4.49 -26.74 -13.46
C ARG B 12 3.14 -27.23 -12.98
N ALA B 13 2.86 -27.15 -11.67
CA ALA B 13 1.53 -27.46 -11.17
C ALA B 13 0.60 -26.31 -11.49
N GLU B 14 -0.51 -26.62 -12.15
CA GLU B 14 -1.51 -25.63 -12.54
C GLU B 14 -2.78 -25.87 -11.75
N ILE B 15 -3.46 -24.76 -11.41
CA ILE B 15 -4.69 -24.84 -10.63
C ILE B 15 -5.72 -25.69 -11.35
N VAL B 16 -6.39 -26.56 -10.59
CA VAL B 16 -7.40 -27.46 -11.14
C VAL B 16 -8.58 -26.65 -11.63
N GLU B 17 -9.04 -26.93 -12.85
CA GLU B 17 -9.93 -26.02 -13.56
C GLU B 17 -11.24 -25.78 -12.83
N LYS B 18 -11.79 -26.81 -12.18
CA LYS B 18 -13.11 -26.65 -11.58
C LYS B 18 -13.12 -25.56 -10.51
N PHE B 19 -11.98 -25.25 -9.92
CA PHE B 19 -11.96 -24.25 -8.87
C PHE B 19 -11.98 -22.82 -9.38
N THR B 20 -11.87 -22.61 -10.70
CA THR B 20 -12.02 -21.27 -11.26
C THR B 20 -13.45 -20.79 -11.21
N GLU B 21 -14.40 -21.68 -10.95
CA GLU B 21 -15.79 -21.29 -10.80
C GLU B 21 -16.08 -20.97 -9.34
N PRO B 22 -16.44 -19.74 -8.99
CA PRO B 22 -16.68 -19.42 -7.58
C PRO B 22 -17.81 -20.27 -6.99
N GLY B 23 -17.69 -20.56 -5.70
CA GLY B 23 -18.68 -21.35 -5.00
C GLY B 23 -18.45 -22.84 -5.05
N THR B 24 -17.39 -23.30 -5.71
CA THR B 24 -17.12 -24.72 -5.81
C THR B 24 -16.56 -25.25 -4.49
N VAL B 25 -17.05 -26.42 -4.08
CA VAL B 25 -16.59 -26.97 -2.80
C VAL B 25 -15.12 -27.33 -2.90
N ILE B 26 -14.33 -26.86 -1.93
CA ILE B 26 -12.94 -27.25 -1.76
C ILE B 26 -12.86 -28.11 -0.51
N ARG B 27 -12.72 -29.42 -0.69
CA ARG B 27 -12.52 -30.31 0.44
C ARG B 27 -11.06 -30.25 0.85
N ILE B 28 -10.82 -29.95 2.12
CA ILE B 28 -9.43 -29.85 2.57
C ILE B 28 -8.72 -31.16 2.20
N ASN B 29 -7.45 -31.03 1.81
CA ASN B 29 -6.56 -32.11 1.38
C ASN B 29 -6.81 -32.58 -0.06
N GLU B 30 -7.90 -32.16 -0.71
CA GLU B 30 -8.05 -32.59 -2.10
C GLU B 30 -7.09 -31.80 -2.99
N VAL B 31 -6.85 -32.32 -4.19
CA VAL B 31 -5.88 -31.70 -5.09
C VAL B 31 -6.45 -30.41 -5.65
N VAL B 32 -5.71 -29.32 -5.52
CA VAL B 32 -6.10 -28.06 -6.14
C VAL B 32 -5.14 -27.61 -7.23
N ALA B 33 -3.95 -28.21 -7.33
CA ALA B 33 -3.03 -27.92 -8.42
C ALA B 33 -2.18 -29.15 -8.68
N ALA B 34 -1.83 -29.35 -9.94
CA ALA B 34 -1.15 -30.58 -10.33
C ALA B 34 -0.37 -30.32 -11.62
N LEU B 35 0.64 -31.14 -11.85
CA LEU B 35 1.53 -30.98 -13.02
C LEU B 35 0.85 -31.43 -14.31
N PHE C 6 9.81 8.52 -39.63
CA PHE C 6 9.37 7.18 -39.26
C PHE C 6 10.45 6.43 -38.50
N GLY C 7 10.02 5.47 -37.68
CA GLY C 7 10.94 4.67 -36.90
C GLY C 7 10.97 5.16 -35.46
N LEU C 8 10.70 4.27 -34.51
CA LEU C 8 10.65 4.61 -33.10
C LEU C 8 11.84 3.99 -32.38
N MET C 9 12.30 4.67 -31.33
CA MET C 9 13.37 4.06 -30.54
C MET C 9 12.85 2.80 -29.85
N GLN C 10 13.76 1.86 -29.63
CA GLN C 10 13.34 0.53 -29.18
C GLN C 10 12.54 0.57 -27.88
N PRO C 11 12.92 1.33 -26.87
CA PRO C 11 12.10 1.34 -25.64
C PRO C 11 10.67 1.83 -25.89
N ILE C 12 10.46 2.72 -26.86
CA ILE C 12 9.11 3.17 -27.15
C ILE C 12 8.32 2.08 -27.86
N GLN C 13 8.97 1.36 -28.79
CA GLN C 13 8.30 0.25 -29.44
C GLN C 13 7.85 -0.80 -28.43
N GLU C 14 8.65 -1.03 -27.38
CA GLU C 14 8.29 -2.03 -26.38
C GLU C 14 7.14 -1.53 -25.50
N PHE C 15 7.13 -0.24 -25.21
CA PHE C 15 6.03 0.38 -24.50
C PHE C 15 4.74 0.25 -25.28
N LYS C 16 4.80 0.56 -26.58
CA LYS C 16 3.60 0.44 -27.42
C LYS C 16 3.14 -1.00 -27.50
N ALA C 17 4.08 -1.95 -27.61
CA ALA C 17 3.70 -3.36 -27.67
C ALA C 17 3.04 -3.81 -26.37
N PHE C 18 3.52 -3.31 -25.24
CA PHE C 18 2.87 -3.62 -23.97
C PHE C 18 1.43 -3.15 -23.98
N ILE C 19 1.18 -1.93 -24.47
CA ILE C 19 -0.19 -1.42 -24.55
C ILE C 19 -1.05 -2.26 -25.47
N GLU C 20 -0.45 -2.88 -26.48
CA GLU C 20 -1.20 -3.68 -27.44
C GLU C 20 -1.27 -5.15 -27.05
N SER C 21 -0.72 -5.51 -25.89
CA SER C 21 -0.69 -6.89 -25.44
C SER C 21 -1.64 -7.16 -24.29
N ASP C 22 -1.88 -6.18 -23.43
CA ASP C 22 -2.71 -6.39 -22.25
C ASP C 22 -4.10 -5.84 -22.48
N PRO C 23 -5.16 -6.62 -22.25
CA PRO C 23 -6.52 -6.14 -22.57
C PRO C 23 -6.94 -4.94 -21.76
N VAL C 24 -6.73 -4.97 -20.43
CA VAL C 24 -7.18 -3.87 -19.60
C VAL C 24 -6.36 -2.63 -19.86
N VAL C 25 -5.03 -2.78 -20.01
CA VAL C 25 -4.19 -1.62 -20.27
C VAL C 25 -4.54 -0.98 -21.60
N HIS C 26 -4.80 -1.79 -22.62
CA HIS C 26 -5.19 -1.23 -23.91
C HIS C 26 -6.44 -0.38 -23.78
N GLN C 27 -7.44 -0.88 -23.05
CA GLN C 27 -8.67 -0.11 -22.93
C GLN C 27 -8.45 1.17 -22.14
N GLU C 28 -7.60 1.13 -21.11
CA GLU C 28 -7.28 2.36 -20.38
C GLU C 28 -6.61 3.37 -21.29
N PHE C 29 -5.76 2.90 -22.19
CA PHE C 29 -5.12 3.82 -23.12
C PHE C 29 -6.01 4.25 -24.27
N ILE C 30 -7.23 3.71 -24.35
CA ILE C 30 -8.28 4.31 -25.15
C ILE C 30 -9.08 5.31 -24.32
N ASP C 31 -9.61 4.84 -23.19
CA ASP C 31 -10.52 5.68 -22.40
C ASP C 31 -9.88 6.97 -21.89
N MET C 32 -8.58 6.95 -21.59
CA MET C 32 -7.98 8.16 -21.05
C MET C 32 -7.96 9.30 -22.07
N PHE C 33 -8.11 9.00 -23.37
CA PHE C 33 -8.14 10.03 -24.39
C PHE C 33 -9.54 10.48 -24.75
N GLU C 34 -10.57 9.98 -24.04
CA GLU C 34 -11.93 10.26 -24.46
C GLU C 34 -12.16 11.76 -24.54
N GLY C 35 -12.69 12.21 -25.68
CA GLY C 35 -13.01 13.61 -25.89
C GLY C 35 -11.84 14.53 -26.19
N ILE C 36 -10.60 14.05 -26.14
CA ILE C 36 -9.45 14.92 -26.32
C ILE C 36 -9.35 15.34 -27.78
N GLN C 37 -9.14 16.64 -28.00
CA GLN C 37 -9.13 17.24 -29.33
C GLN C 37 -7.73 17.46 -29.89
N ASP C 38 -6.75 17.75 -29.05
CA ASP C 38 -5.43 18.13 -29.52
C ASP C 38 -4.43 17.00 -29.28
N SER C 39 -3.27 17.13 -29.92
CA SER C 39 -2.26 16.08 -29.81
C SER C 39 -1.66 16.08 -28.41
N PRO C 40 -1.45 14.91 -27.81
CA PRO C 40 -1.75 13.56 -28.32
C PRO C 40 -3.23 13.21 -28.23
N ARG C 41 -3.80 12.70 -29.33
CA ARG C 41 -5.21 12.30 -29.38
C ARG C 41 -5.42 10.83 -29.12
N ASN C 42 -4.35 10.03 -29.08
CA ASN C 42 -4.44 8.59 -28.90
C ASN C 42 -3.06 8.10 -28.49
N TYR C 43 -2.99 6.83 -28.07
CA TYR C 43 -1.72 6.35 -27.53
C TYR C 43 -0.67 6.23 -28.63
N GLN C 44 -1.09 6.02 -29.87
CA GLN C 44 -0.13 5.98 -30.97
C GLN C 44 0.55 7.35 -31.13
N GLU C 45 -0.24 8.43 -31.13
CA GLU C 45 0.34 9.76 -31.17
C GLU C 45 1.22 10.02 -29.95
N LEU C 46 0.78 9.55 -28.77
CA LEU C 46 1.59 9.76 -27.59
C LEU C 46 2.97 9.13 -27.76
N CYS C 47 3.02 7.91 -28.31
CA CYS C 47 4.30 7.27 -28.52
C CYS C 47 5.17 8.06 -29.49
N ASN C 48 4.55 8.57 -30.56
CA ASN C 48 5.30 9.40 -31.50
C ASN C 48 5.86 10.64 -30.83
N MET C 49 5.06 11.29 -30.00
CA MET C 49 5.54 12.50 -29.34
C MET C 49 6.62 12.19 -28.31
N PHE C 50 6.45 11.11 -27.53
CA PHE C 50 7.54 10.60 -26.70
C PHE C 50 8.82 10.45 -27.50
N ASN C 51 8.73 9.87 -28.69
CA ASN C 51 9.94 9.60 -29.46
C ASN C 51 10.71 10.87 -29.78
N ASP C 52 10.00 11.99 -29.99
CA ASP C 52 10.67 13.27 -30.19
C ASP C 52 11.14 13.88 -28.87
N ILE C 53 10.33 13.79 -27.82
CA ILE C 53 10.72 14.42 -26.56
C ILE C 53 12.00 13.80 -26.02
N PHE C 54 12.13 12.47 -26.10
CA PHE C 54 13.25 11.79 -25.44
C PHE C 54 14.57 11.97 -26.17
N ARG C 55 14.56 12.68 -27.30
CA ARG C 55 15.77 12.98 -28.06
C ARG C 55 16.00 14.49 -28.14
N LYS C 56 15.30 15.25 -27.29
CA LYS C 56 15.44 16.68 -27.16
C LYS C 56 15.60 17.02 -25.68
N ALA C 57 16.07 18.22 -25.41
CA ALA C 57 16.15 18.72 -24.05
C ALA C 57 15.00 19.69 -23.78
N PRO C 58 14.60 19.84 -22.52
CA PRO C 58 13.54 20.81 -22.21
C PRO C 58 13.99 22.22 -22.53
N VAL C 59 13.01 23.09 -22.78
CA VAL C 59 13.25 24.52 -22.93
C VAL C 59 12.45 25.26 -21.86
N TYR C 60 12.70 26.56 -21.77
CA TYR C 60 12.06 27.40 -20.77
C TYR C 60 10.74 27.94 -21.30
N GLY C 61 9.72 27.91 -20.46
CA GLY C 61 8.46 28.52 -20.82
C GLY C 61 7.23 27.90 -20.18
N ASP C 62 7.20 26.57 -20.11
CA ASP C 62 6.03 25.86 -19.62
C ASP C 62 6.03 25.76 -18.09
N LEU C 63 4.84 25.55 -17.54
CA LEU C 63 4.71 25.37 -16.10
C LEU C 63 5.50 24.16 -15.61
N GLY C 64 5.49 23.08 -16.38
CA GLY C 64 6.18 21.88 -16.00
C GLY C 64 7.01 21.33 -17.13
N PRO C 65 7.69 20.21 -16.89
CA PRO C 65 8.55 19.62 -17.92
C PRO C 65 7.73 18.97 -19.01
N PRO C 66 8.36 18.60 -20.13
CA PRO C 66 7.58 18.38 -21.36
C PRO C 66 6.70 17.15 -21.33
N VAL C 67 7.07 16.09 -20.61
CA VAL C 67 6.20 14.92 -20.56
C VAL C 67 4.97 15.21 -19.71
N TYR C 68 5.17 15.83 -18.53
CA TYR C 68 4.02 16.25 -17.75
C TYR C 68 3.04 17.06 -18.62
N MET C 69 3.57 17.99 -19.41
CA MET C 69 2.69 18.89 -20.16
C MET C 69 1.74 18.12 -21.07
N ILE C 70 2.22 17.04 -21.71
CA ILE C 70 1.32 16.32 -22.62
C ILE C 70 0.60 15.18 -21.94
N MET C 71 0.95 14.84 -20.70
CA MET C 71 0.27 13.79 -19.95
C MET C 71 -0.81 14.32 -19.01
N ALA C 72 -0.84 15.63 -18.76
CA ALA C 72 -1.67 16.15 -17.67
C ALA C 72 -3.15 15.80 -17.88
N LYS C 73 -3.64 15.96 -19.12
CA LYS C 73 -5.03 15.64 -19.38
C LYS C 73 -5.32 14.16 -19.19
N LEU C 74 -4.35 13.30 -19.49
CA LEU C 74 -4.54 11.87 -19.32
C LEU C 74 -4.53 11.48 -17.86
N MET C 75 -3.63 12.08 -17.09
CA MET C 75 -3.54 11.84 -15.65
C MET C 75 -4.85 12.17 -14.96
N ASN C 76 -5.58 13.16 -15.50
CA ASN C 76 -6.79 13.69 -14.89
C ASN C 76 -8.04 12.91 -15.28
N THR C 77 -7.89 11.59 -15.43
CA THR C 77 -9.00 10.70 -15.77
C THR C 77 -8.89 9.45 -14.91
N ARG C 78 -10.02 8.79 -14.67
CA ARG C 78 -9.97 7.54 -13.94
C ARG C 78 -9.14 6.50 -14.69
N ALA C 79 -9.29 6.44 -16.02
CA ALA C 79 -8.55 5.45 -16.80
C ALA C 79 -7.06 5.71 -16.76
N GLY C 80 -6.65 6.99 -16.86
CA GLY C 80 -5.23 7.32 -16.73
C GLY C 80 -4.68 7.02 -15.36
N PHE C 81 -5.37 7.48 -14.30
CA PHE C 81 -4.92 7.14 -12.95
C PHE C 81 -4.77 5.63 -12.79
N SER C 82 -5.72 4.88 -13.33
CA SER C 82 -5.67 3.43 -13.23
C SER C 82 -4.43 2.88 -13.91
N ALA C 83 -4.20 3.27 -15.17
CA ALA C 83 -3.02 2.78 -15.87
C ALA C 83 -1.75 3.16 -15.13
N PHE C 84 -1.69 4.40 -14.65
CA PHE C 84 -0.48 4.96 -14.08
C PHE C 84 -0.22 4.52 -12.65
N THR C 85 -1.08 3.65 -12.10
CA THR C 85 -0.83 3.03 -10.82
C THR C 85 -0.68 1.51 -10.97
N ARG C 86 -0.30 1.05 -12.15
CA ARG C 86 0.10 -0.32 -12.39
C ARG C 86 1.62 -0.41 -12.40
N GLN C 87 2.19 -1.27 -11.55
CA GLN C 87 3.65 -1.32 -11.48
C GLN C 87 4.26 -1.79 -12.80
N ARG C 88 3.56 -2.64 -13.56
CA ARG C 88 4.12 -3.11 -14.83
C ARG C 88 4.27 -1.97 -15.82
N LEU C 89 3.28 -1.09 -15.89
CA LEU C 89 3.41 0.06 -16.78
C LEU C 89 4.52 0.98 -16.32
N ASN C 90 4.66 1.16 -15.01
CA ASN C 90 5.66 2.09 -14.52
C ASN C 90 7.09 1.59 -14.74
N LEU C 91 7.29 0.26 -14.86
CA LEU C 91 8.58 -0.25 -15.32
C LEU C 91 8.93 0.31 -16.69
N HIS C 92 7.95 0.42 -17.59
CA HIS C 92 8.22 0.98 -18.91
C HIS C 92 8.54 2.46 -18.81
N PHE C 93 7.78 3.22 -18.01
CA PHE C 93 8.12 4.62 -17.86
C PHE C 93 9.53 4.79 -17.32
N LYS C 94 9.94 3.93 -16.37
CA LYS C 94 11.29 4.02 -15.82
C LYS C 94 12.33 3.85 -16.92
N LYS C 95 12.14 2.84 -17.77
CA LYS C 95 13.08 2.63 -18.87
C LYS C 95 13.08 3.80 -19.84
N LEU C 96 11.91 4.32 -20.19
CA LEU C 96 11.84 5.45 -21.12
C LEU C 96 12.57 6.67 -20.55
N PHE C 97 12.32 6.99 -19.27
CA PHE C 97 12.94 8.18 -18.73
C PHE C 97 14.43 7.99 -18.50
N ASP C 98 14.85 6.79 -18.11
CA ASP C 98 16.29 6.50 -18.03
C ASP C 98 16.94 6.72 -19.39
N THR C 99 16.26 6.28 -20.46
CA THR C 99 16.78 6.48 -21.81
C THR C 99 16.92 7.96 -22.13
N TRP C 100 15.87 8.72 -21.84
CA TRP C 100 15.94 10.17 -22.03
C TRP C 100 17.09 10.76 -21.20
N GLY C 101 17.26 10.28 -19.96
CA GLY C 101 18.33 10.80 -19.13
C GLY C 101 19.71 10.59 -19.72
N LEU C 102 19.92 9.48 -20.43
CA LEU C 102 21.19 9.28 -21.11
C LEU C 102 21.46 10.40 -22.11
N PHE C 103 20.44 10.78 -22.88
CA PHE C 103 20.60 11.91 -23.79
C PHE C 103 20.86 13.20 -23.03
N LEU C 104 20.16 13.40 -21.91
CA LEU C 104 20.30 14.66 -21.20
C LEU C 104 21.65 14.81 -20.51
N SER C 105 22.40 13.72 -20.39
CA SER C 105 23.74 13.74 -19.84
C SER C 105 24.81 13.88 -20.92
N SER C 106 24.41 13.90 -22.18
CA SER C 106 25.33 13.92 -23.31
C SER C 106 25.54 15.34 -23.82
N LYS C 107 26.64 15.52 -24.55
CA LYS C 107 26.94 16.84 -25.09
C LYS C 107 25.87 17.32 -26.06
N ASP C 108 25.17 16.39 -26.74
CA ASP C 108 24.12 16.80 -27.67
C ASP C 108 23.01 17.58 -26.99
N SER C 109 22.81 17.39 -25.69
CA SER C 109 21.71 18.07 -25.00
C SER C 109 22.04 19.51 -24.66
N ARG C 110 23.21 20.01 -25.06
CA ARG C 110 23.55 21.41 -24.82
C ARG C 110 22.80 22.36 -25.75
N ASN C 111 22.12 21.85 -26.77
CA ASN C 111 21.56 22.70 -27.81
C ASN C 111 20.40 23.56 -27.32
N VAL C 112 19.91 23.35 -26.09
CA VAL C 112 18.95 24.29 -25.51
C VAL C 112 19.61 25.29 -24.57
N LEU C 113 20.91 25.13 -24.29
CA LEU C 113 21.64 26.07 -23.46
C LEU C 113 22.14 27.21 -24.35
N VAL C 114 21.18 27.98 -24.84
CA VAL C 114 21.40 29.09 -25.77
C VAL C 114 20.46 30.22 -25.40
N ALA C 115 20.67 31.39 -26.01
CA ALA C 115 19.84 32.55 -25.73
C ALA C 115 18.65 32.68 -26.67
N ASP C 116 18.54 31.77 -27.65
CA ASP C 116 17.51 31.87 -28.67
C ASP C 116 16.11 31.96 -28.08
N GLN C 117 15.27 32.78 -28.71
CA GLN C 117 13.83 32.70 -28.54
C GLN C 117 13.29 31.74 -29.59
N PHE C 118 12.77 30.60 -29.15
CA PHE C 118 12.33 29.58 -30.09
C PHE C 118 10.97 29.86 -30.70
N ASP C 119 10.00 30.28 -29.89
CA ASP C 119 8.73 30.79 -30.39
C ASP C 119 8.25 31.85 -29.41
N ASP C 120 6.98 32.22 -29.51
CA ASP C 120 6.48 33.30 -28.66
C ASP C 120 6.49 32.93 -27.19
N ARG C 121 6.47 31.65 -26.85
CA ARG C 121 6.33 31.23 -25.46
C ARG C 121 7.49 30.41 -24.93
N HIS C 122 8.47 30.07 -25.76
CA HIS C 122 9.58 29.21 -25.36
C HIS C 122 10.90 29.80 -25.79
N CYS C 123 11.92 29.64 -24.95
CA CYS C 123 13.24 30.16 -25.22
C CYS C 123 14.28 29.25 -24.59
N GLY C 124 15.54 29.44 -25.00
CA GLY C 124 16.62 28.71 -24.40
C GLY C 124 16.91 29.18 -22.98
N TRP C 125 17.66 28.34 -22.25
CA TRP C 125 17.92 28.59 -20.84
C TRP C 125 18.90 29.73 -20.60
N LEU C 126 19.66 30.15 -21.62
CA LEU C 126 20.56 31.29 -21.48
C LEU C 126 19.91 32.58 -21.99
N ASN C 127 18.64 32.53 -22.37
CA ASN C 127 17.88 33.74 -22.64
C ASN C 127 17.68 34.54 -21.35
N GLU C 128 17.79 35.87 -21.47
CA GLU C 128 17.69 36.71 -20.28
C GLU C 128 16.42 36.43 -19.48
N ARG C 129 15.35 36.02 -20.16
CA ARG C 129 14.10 35.72 -19.46
C ARG C 129 14.24 34.48 -18.58
N ALA C 130 14.92 33.45 -19.09
CA ALA C 130 15.11 32.24 -18.30
C ALA C 130 16.10 32.48 -17.18
N LEU C 131 17.23 33.14 -17.50
CA LEU C 131 18.20 33.49 -16.47
C LEU C 131 17.54 34.26 -15.33
N SER C 132 16.69 35.24 -15.68
CA SER C 132 16.03 36.05 -14.67
C SER C 132 15.14 35.19 -13.77
N ALA C 133 14.34 34.31 -14.37
CA ALA C 133 13.44 33.48 -13.57
C ALA C 133 14.22 32.61 -12.61
N MET C 134 15.43 32.18 -13.02
CA MET C 134 16.21 31.29 -12.18
C MET C 134 16.92 31.98 -11.02
N VAL C 135 17.05 33.31 -11.04
CA VAL C 135 17.63 33.99 -9.89
C VAL C 135 16.59 34.80 -9.13
N LYS C 136 15.31 34.52 -9.35
CA LYS C 136 14.24 35.24 -8.67
C LYS C 136 14.49 35.38 -7.16
N HIS C 137 14.98 34.33 -6.51
CA HIS C 137 15.08 34.31 -5.05
C HIS C 137 16.50 34.53 -4.54
N TYR C 138 17.34 35.24 -5.33
CA TYR C 138 18.72 35.46 -4.94
C TYR C 138 19.06 36.95 -4.83
N ASN C 139 18.05 37.77 -4.57
CA ASN C 139 18.23 39.15 -4.09
C ASN C 139 19.12 39.97 -5.02
N GLY C 140 18.83 39.90 -6.31
CA GLY C 140 19.45 40.76 -7.29
C GLY C 140 20.75 40.24 -7.88
N ARG C 141 21.30 39.17 -7.34
CA ARG C 141 22.51 38.59 -7.91
C ARG C 141 22.19 37.90 -9.24
N ALA C 142 23.15 37.96 -10.16
CA ALA C 142 22.98 37.41 -11.49
C ALA C 142 23.26 35.91 -11.51
N PHE C 143 22.72 35.25 -12.53
CA PHE C 143 22.87 33.80 -12.65
C PHE C 143 24.34 33.38 -12.56
N ASP C 144 25.22 34.08 -13.28
CA ASP C 144 26.63 33.67 -13.27
C ASP C 144 27.31 33.99 -11.94
N GLU C 145 26.71 34.83 -11.09
CA GLU C 145 27.24 35.06 -9.75
C GLU C 145 26.78 33.97 -8.80
N VAL C 146 25.51 33.58 -8.90
CA VAL C 146 24.95 32.57 -8.00
C VAL C 146 25.48 31.18 -8.34
N PHE C 147 25.56 30.86 -9.63
CA PHE C 147 25.85 29.49 -10.05
C PHE C 147 27.24 29.40 -10.68
N LEU C 148 27.88 28.26 -10.48
CA LEU C 148 29.19 28.00 -11.04
C LEU C 148 29.07 27.73 -12.53
N CYS C 149 29.64 28.62 -13.34
CA CYS C 149 29.52 28.57 -14.80
C CYS C 149 30.56 29.53 -15.37
N ASP C 150 30.62 29.59 -16.70
CA ASP C 150 31.50 30.52 -17.42
C ASP C 150 30.63 31.27 -18.42
N LYS C 151 30.19 32.46 -18.04
CA LYS C 151 29.24 33.20 -18.87
C LYS C 151 29.81 33.57 -20.23
N ASN C 152 31.12 33.46 -20.42
CA ASN C 152 31.77 33.78 -21.68
C ASN C 152 32.04 32.55 -22.53
N ALA C 153 31.72 31.36 -22.03
CA ALA C 153 31.92 30.14 -22.81
C ALA C 153 30.62 29.72 -23.48
N PRO C 154 30.71 28.99 -24.60
CA PRO C 154 29.49 28.44 -25.20
C PRO C 154 28.77 27.58 -24.19
N TYR C 155 27.43 27.68 -24.19
CA TYR C 155 26.59 26.93 -23.27
C TYR C 155 26.86 27.28 -21.81
N TYR C 156 27.46 28.43 -21.56
CA TYR C 156 27.91 28.83 -20.23
C TYR C 156 28.87 27.82 -19.61
N GLY C 157 29.52 27.00 -20.44
CA GLY C 157 30.47 26.04 -19.94
C GLY C 157 29.90 24.73 -19.45
N PHE C 158 28.58 24.58 -19.46
CA PHE C 158 27.97 23.31 -19.06
C PHE C 158 28.16 22.25 -20.14
N ASN C 159 28.38 21.01 -19.70
CA ASN C 159 28.65 19.94 -20.64
C ASN C 159 27.40 19.22 -21.14
N SER C 160 26.26 19.44 -20.50
CA SER C 160 25.04 18.71 -20.85
C SER C 160 23.89 19.44 -20.20
N TYR C 161 22.68 19.09 -20.61
CA TYR C 161 21.52 19.65 -19.92
C TYR C 161 21.52 19.25 -18.45
N ASP C 162 21.90 18.00 -18.15
CA ASP C 162 21.92 17.55 -16.76
C ASP C 162 22.92 18.34 -15.94
N ASP C 163 24.07 18.68 -16.55
CA ASP C 163 25.06 19.50 -15.84
C ASP C 163 24.48 20.86 -15.47
N PHE C 164 23.71 21.47 -16.37
CA PHE C 164 23.04 22.73 -16.10
C PHE C 164 21.92 22.54 -15.07
N PHE C 165 21.08 21.52 -15.27
CA PHE C 165 20.01 21.22 -14.33
C PHE C 165 20.53 21.06 -12.91
N ASN C 166 21.68 20.39 -12.75
CA ASN C 166 22.30 20.20 -11.45
C ASN C 166 23.49 21.13 -11.23
N ARG C 167 23.40 22.35 -11.77
CA ARG C 167 24.40 23.36 -11.52
C ARG C 167 24.62 23.53 -10.02
N ARG C 168 25.85 23.90 -9.66
CA ARG C 168 26.25 24.09 -8.28
C ARG C 168 26.30 25.59 -7.94
N PHE C 169 26.30 25.87 -6.65
CA PHE C 169 26.47 27.24 -6.19
C PHE C 169 27.92 27.67 -6.26
N ARG C 170 28.15 28.87 -6.80
CA ARG C 170 29.51 29.42 -6.85
C ARG C 170 30.00 29.77 -5.44
N ASN C 171 29.12 30.33 -4.60
CA ASN C 171 29.52 30.79 -3.27
C ASN C 171 28.29 30.77 -2.35
N ARG C 172 27.97 29.57 -1.86
CA ARG C 172 26.77 29.42 -1.03
C ARG C 172 26.83 30.32 0.20
N ASP C 173 28.03 30.65 0.69
CA ASP C 173 28.12 31.51 1.87
C ASP C 173 27.52 32.88 1.61
N ILE C 174 27.50 33.32 0.36
CA ILE C 174 26.79 34.55 0.02
C ILE C 174 25.33 34.28 -0.25
N ASP C 175 25.04 33.34 -1.14
CA ASP C 175 23.68 33.23 -1.69
C ASP C 175 22.75 32.35 -0.87
N ARG C 176 23.27 31.30 -0.24
CA ARG C 176 22.44 30.35 0.50
C ARG C 176 23.20 29.96 1.76
N PRO C 177 23.35 30.89 2.71
CA PRO C 177 24.15 30.60 3.89
C PRO C 177 23.58 29.46 4.70
N VAL C 178 24.47 28.73 5.37
CA VAL C 178 24.05 27.77 6.37
C VAL C 178 23.69 28.56 7.62
N VAL C 179 22.42 28.98 7.70
CA VAL C 179 22.01 29.94 8.71
C VAL C 179 22.29 29.41 10.11
N GLY C 180 22.89 30.25 10.95
CA GLY C 180 23.29 29.87 12.28
C GLY C 180 24.66 29.26 12.38
N GLY C 181 25.24 28.82 11.26
CA GLY C 181 26.57 28.25 11.26
C GLY C 181 26.61 26.74 11.44
N VAL C 182 27.53 26.07 10.75
CA VAL C 182 27.60 24.62 10.84
C VAL C 182 27.81 24.15 12.27
N ASN C 183 28.48 24.95 13.09
CA ASN C 183 28.78 24.52 14.46
C ASN C 183 27.61 24.66 15.42
N ASN C 184 26.51 25.28 15.01
CA ASN C 184 25.29 25.31 15.82
C ASN C 184 24.45 24.09 15.44
N THR C 185 24.45 23.07 16.28
CA THR C 185 23.76 21.81 15.97
C THR C 185 22.36 21.74 16.56
N THR C 186 21.80 22.87 17.01
CA THR C 186 20.41 22.90 17.42
C THR C 186 19.47 23.15 16.25
N LEU C 187 20.01 23.22 15.03
CA LEU C 187 19.26 23.69 13.87
C LEU C 187 19.22 22.61 12.80
N ILE C 188 18.11 22.59 12.07
CA ILE C 188 17.95 21.72 10.90
C ILE C 188 17.73 22.60 9.68
N SER C 189 18.52 22.38 8.64
CA SER C 189 18.50 23.15 7.40
C SER C 189 17.58 22.52 6.37
N ALA C 190 17.06 23.35 5.48
CA ALA C 190 16.31 22.87 4.33
C ALA C 190 17.22 22.08 3.40
N ALA C 191 16.80 20.86 3.03
CA ALA C 191 17.63 20.03 2.16
C ALA C 191 17.48 20.38 0.69
N CYS C 192 16.42 21.08 0.30
CA CYS C 192 16.20 21.47 -1.09
C CYS C 192 15.72 22.91 -1.19
N GLU C 193 16.15 23.58 -2.25
CA GLU C 193 15.60 24.86 -2.66
C GLU C 193 14.18 24.66 -3.15
N SER C 194 13.20 25.25 -2.48
CA SER C 194 11.82 24.85 -2.73
C SER C 194 10.84 25.91 -2.26
N LEU C 195 9.56 25.60 -2.42
CA LEU C 195 8.48 26.31 -1.77
C LEU C 195 7.81 25.36 -0.79
N SER C 196 7.44 25.88 0.37
CA SER C 196 6.75 24.99 1.30
C SER C 196 5.47 24.48 0.65
N TYR C 197 5.16 23.21 0.89
CA TYR C 197 3.93 22.63 0.36
C TYR C 197 2.99 22.18 1.47
N ASN C 198 3.51 21.51 2.48
CA ASN C 198 2.65 21.00 3.55
C ASN C 198 3.47 20.76 4.80
N VAL C 199 2.85 20.99 5.95
CA VAL C 199 3.37 20.51 7.22
C VAL C 199 2.26 19.73 7.91
N SER C 200 2.57 18.52 8.35
CA SER C 200 1.64 17.71 9.11
C SER C 200 2.24 17.33 10.45
N TYR C 201 1.41 17.30 11.48
CA TYR C 201 1.80 16.88 12.82
C TYR C 201 1.09 15.59 13.19
N ASP C 202 1.65 14.88 14.17
CA ASP C 202 1.06 13.66 14.70
C ASP C 202 0.78 12.65 13.61
N VAL C 203 1.78 12.40 12.76
CA VAL C 203 1.53 11.61 11.56
C VAL C 203 1.31 10.13 11.91
N GLN C 204 0.68 9.42 10.98
CA GLN C 204 0.21 8.07 11.26
C GLN C 204 0.30 7.24 9.99
N SER C 205 -0.08 5.97 10.10
CA SER C 205 -0.13 5.06 8.96
C SER C 205 -1.57 4.68 8.67
N LEU C 206 -1.84 4.48 7.38
CA LEU C 206 -3.16 4.11 6.88
C LEU C 206 -3.09 2.75 6.21
N ASP C 207 -4.19 1.99 6.27
CA ASP C 207 -4.22 0.72 5.56
C ASP C 207 -4.41 0.91 4.06
N THR C 208 -5.12 1.96 3.66
CA THR C 208 -5.30 2.27 2.23
C THR C 208 -5.26 3.77 2.06
N LEU C 209 -4.93 4.18 0.84
CA LEU C 209 -4.92 5.60 0.46
C LEU C 209 -6.14 5.93 -0.40
N VAL C 210 -7.30 5.76 0.22
CA VAL C 210 -8.61 6.06 -0.35
C VAL C 210 -9.31 6.97 0.67
N PHE C 211 -9.63 8.20 0.27
CA PHE C 211 -10.32 9.18 1.14
C PHE C 211 -9.36 9.60 2.26
N LYS C 212 -9.88 9.87 3.47
CA LYS C 212 -9.09 10.15 4.67
C LYS C 212 -8.18 11.36 4.49
N GLY C 213 -8.60 12.34 3.69
CA GLY C 213 -7.79 13.50 3.38
C GLY C 213 -6.66 13.18 2.39
N GLU C 214 -6.05 14.25 1.86
CA GLU C 214 -4.71 14.14 1.26
C GLU C 214 -3.72 14.08 2.41
N THR C 215 -3.20 12.88 2.66
CA THR C 215 -2.66 12.52 3.96
C THR C 215 -1.45 11.64 3.78
N TYR C 216 -0.43 11.86 4.61
CA TYR C 216 0.67 10.92 4.67
C TYR C 216 0.20 9.63 5.31
N SER C 217 0.72 8.52 4.80
CA SER C 217 0.67 7.25 5.49
C SER C 217 2.12 6.83 5.70
N LEU C 218 2.59 6.89 6.95
CA LEU C 218 4.00 6.63 7.21
C LEU C 218 4.46 5.31 6.59
N LYS C 219 3.71 4.23 6.82
CA LYS C 219 4.18 2.95 6.33
C LYS C 219 4.24 2.91 4.81
N HIS C 220 3.43 3.72 4.14
CA HIS C 220 3.55 3.83 2.68
C HIS C 220 4.76 4.68 2.32
N LEU C 221 4.80 5.91 2.83
CA LEU C 221 5.89 6.84 2.56
C LEU C 221 7.26 6.20 2.75
N LEU C 222 7.43 5.48 3.87
CA LEU C 222 8.70 4.87 4.23
C LEU C 222 8.79 3.41 3.78
N ASN C 223 7.83 2.95 3.00
CA ASN C 223 7.86 1.62 2.39
C ASN C 223 8.05 0.52 3.44
N ASN C 224 7.33 0.65 4.55
CA ASN C 224 7.32 -0.37 5.60
C ASN C 224 8.71 -0.57 6.21
N ASP C 225 9.52 0.49 6.24
CA ASP C 225 10.83 0.38 6.83
C ASP C 225 10.73 -0.02 8.29
N PRO C 226 11.69 -0.79 8.80
CA PRO C 226 11.70 -1.12 10.24
C PRO C 226 11.79 0.10 11.15
N PHE C 227 12.31 1.23 10.68
CA PHE C 227 12.33 2.45 11.47
C PHE C 227 10.97 3.12 11.54
N THR C 228 10.00 2.71 10.73
CA THR C 228 8.72 3.43 10.64
C THR C 228 8.09 3.69 12.01
N PRO C 229 8.04 2.74 12.94
CA PRO C 229 7.36 3.01 14.21
C PRO C 229 7.97 4.17 14.98
N GLN C 230 9.26 4.46 14.76
CA GLN C 230 9.90 5.56 15.48
C GLN C 230 9.34 6.91 15.08
N PHE C 231 8.71 7.01 13.91
CA PHE C 231 8.19 8.28 13.42
C PHE C 231 6.68 8.39 13.60
N GLU C 232 6.03 7.38 14.14
CA GLU C 232 4.64 7.51 14.50
C GLU C 232 4.46 8.64 15.48
N HIS C 233 3.46 9.48 15.23
CA HIS C 233 3.17 10.71 16.00
C HIS C 233 4.15 11.83 15.74
N GLY C 234 5.10 11.65 14.82
CA GLY C 234 6.05 12.68 14.46
C GLY C 234 5.46 13.74 13.56
N SER C 235 6.34 14.55 12.97
CA SER C 235 5.94 15.65 12.10
C SER C 235 6.71 15.58 10.80
N ILE C 236 6.10 16.12 9.74
CA ILE C 236 6.69 16.12 8.41
C ILE C 236 6.53 17.49 7.78
N LEU C 237 7.62 18.00 7.19
CA LEU C 237 7.62 19.18 6.34
C LEU C 237 7.93 18.75 4.92
N GLN C 238 7.11 19.20 3.96
CA GLN C 238 7.28 18.86 2.55
C GLN C 238 7.38 20.13 1.72
N GLY C 239 8.34 20.14 0.79
CA GLY C 239 8.60 21.24 -0.11
C GLY C 239 8.47 20.82 -1.57
N PHE C 240 8.26 21.80 -2.45
CA PHE C 240 8.07 21.60 -3.88
C PHE C 240 9.17 22.36 -4.60
N LEU C 241 10.00 21.65 -5.35
CA LEU C 241 11.00 22.23 -6.24
C LEU C 241 10.36 22.46 -7.61
N ASN C 242 10.28 23.72 -8.04
CA ASN C 242 9.67 24.01 -9.33
C ASN C 242 10.71 23.87 -10.46
N VAL C 243 10.27 24.10 -11.70
CA VAL C 243 11.10 23.79 -12.86
C VAL C 243 12.38 24.61 -12.92
N THR C 244 12.41 25.80 -12.33
CA THR C 244 13.60 26.64 -12.33
C THR C 244 14.42 26.55 -11.05
N ALA C 245 14.06 25.66 -10.13
CA ALA C 245 14.79 25.59 -8.87
C ALA C 245 16.09 24.81 -9.01
N TYR C 246 17.09 25.22 -8.24
CA TYR C 246 18.23 24.38 -7.93
C TYR C 246 17.72 23.01 -7.51
N HIS C 247 18.31 21.94 -8.06
CA HIS C 247 17.78 20.59 -7.87
C HIS C 247 18.74 19.63 -7.19
N ARG C 248 19.79 20.12 -6.54
CA ARG C 248 20.64 19.26 -5.74
C ARG C 248 20.10 19.20 -4.31
N TRP C 249 20.58 18.22 -3.54
CA TRP C 249 20.19 18.03 -2.15
C TRP C 249 21.33 18.37 -1.23
N HIS C 250 21.02 19.01 -0.11
CA HIS C 250 22.01 19.34 0.91
C HIS C 250 21.67 18.68 2.23
N ALA C 251 22.70 18.42 3.03
CA ALA C 251 22.52 17.76 4.32
C ALA C 251 21.74 18.67 5.26
N PRO C 252 20.69 18.17 5.91
CA PRO C 252 19.91 19.02 6.82
C PRO C 252 20.53 19.18 8.19
N VAL C 253 21.45 18.30 8.59
CA VAL C 253 22.07 18.34 9.91
C VAL C 253 23.50 17.84 9.77
N ASN C 254 24.35 18.23 10.73
CA ASN C 254 25.55 17.45 10.99
C ASN C 254 25.12 16.08 11.49
N GLY C 255 25.52 15.02 10.80
CA GLY C 255 25.10 13.71 11.26
C GLY C 255 25.64 12.61 10.38
N THR C 256 25.13 11.41 10.61
CA THR C 256 25.62 10.21 9.95
C THR C 256 24.52 9.59 9.09
N ILE C 257 24.85 9.27 7.84
CA ILE C 257 23.91 8.59 6.97
C ILE C 257 23.71 7.17 7.51
N VAL C 258 22.46 6.82 7.82
CA VAL C 258 22.18 5.51 8.40
C VAL C 258 21.79 4.50 7.32
N LYS C 259 20.86 4.88 6.45
CA LYS C 259 20.29 3.95 5.51
C LYS C 259 19.71 4.72 4.34
N ILE C 260 19.93 4.20 3.13
CA ILE C 260 19.40 4.78 1.90
C ILE C 260 18.58 3.69 1.20
N ILE C 261 17.34 4.02 0.86
CA ILE C 261 16.45 3.05 0.21
C ILE C 261 15.84 3.69 -1.02
N ASN C 262 16.05 3.07 -2.18
CA ASN C 262 15.38 3.50 -3.41
C ASN C 262 14.14 2.64 -3.61
N VAL C 263 13.00 3.30 -3.78
CA VAL C 263 11.70 2.62 -3.84
C VAL C 263 11.09 2.88 -5.20
N PRO C 264 10.87 1.85 -6.02
CA PRO C 264 10.13 2.04 -7.27
C PRO C 264 8.71 2.49 -6.98
N GLY C 265 8.17 3.30 -7.89
CA GLY C 265 6.82 3.79 -7.69
C GLY C 265 6.20 4.45 -8.90
N THR C 266 5.29 5.38 -8.66
CA THR C 266 4.54 6.05 -9.71
C THR C 266 5.30 7.27 -10.24
N TYR C 267 4.84 7.73 -11.38
CA TYR C 267 5.30 8.94 -12.05
C TYR C 267 4.17 9.91 -12.34
N PHE C 268 2.98 9.38 -12.68
CA PHE C 268 1.89 10.19 -13.22
C PHE C 268 0.61 10.04 -12.41
N ALA C 269 0.72 9.62 -11.15
CA ALA C 269 -0.44 9.43 -10.27
C ALA C 269 -0.71 10.71 -9.49
N GLN C 270 -1.86 11.32 -9.75
CA GLN C 270 -2.38 12.40 -8.94
C GLN C 270 -3.37 11.83 -7.92
N ALA C 271 -3.80 12.68 -7.00
CA ALA C 271 -4.72 12.20 -5.96
C ALA C 271 -6.08 11.88 -6.59
N PRO C 272 -6.68 10.73 -6.28
CA PRO C 272 -7.97 10.40 -6.93
C PRO C 272 -9.05 11.42 -6.65
N SER C 273 -9.02 12.09 -5.50
CA SER C 273 -10.04 13.10 -5.20
C SER C 273 -9.97 14.29 -6.13
N THR C 274 -8.88 14.47 -6.88
CA THR C 274 -8.74 15.58 -7.80
C THR C 274 -9.09 15.22 -9.24
N ILE C 275 -9.37 13.94 -9.51
CA ILE C 275 -9.60 13.53 -10.90
C ILE C 275 -10.80 14.27 -11.44
N GLY C 276 -10.63 14.95 -12.57
CA GLY C 276 -11.69 15.72 -13.18
C GLY C 276 -11.65 17.19 -12.82
N ASP C 277 -10.82 17.60 -11.88
CA ASP C 277 -10.70 19.03 -11.58
C ASP C 277 -10.17 19.75 -12.81
N PRO C 278 -10.51 21.02 -12.98
CA PRO C 278 -10.00 21.75 -14.16
C PRO C 278 -8.48 21.85 -14.13
N ILE C 279 -7.89 21.80 -15.33
CA ILE C 279 -6.46 22.05 -15.48
C ILE C 279 -6.31 23.48 -16.00
N PRO C 280 -5.93 24.44 -15.16
CA PRO C 280 -5.91 25.84 -15.61
C PRO C 280 -4.95 26.06 -16.77
N ASP C 281 -5.37 26.91 -17.72
CA ASP C 281 -4.52 27.28 -18.85
C ASP C 281 -3.70 28.53 -18.51
N ASN C 282 -2.93 28.41 -17.43
CA ASN C 282 -2.04 29.46 -16.96
C ASN C 282 -1.02 28.81 -16.04
N ASP C 283 -0.07 29.60 -15.57
CA ASP C 283 1.01 29.07 -14.74
C ASP C 283 0.87 29.44 -13.27
N TYR C 284 -0.25 30.00 -12.85
CA TYR C 284 -0.39 30.42 -11.46
C TYR C 284 -1.46 29.66 -10.69
N ASP C 285 -2.51 29.18 -11.34
CA ASP C 285 -3.58 28.47 -10.65
C ASP C 285 -3.26 26.99 -10.63
N PRO C 286 -2.99 26.37 -9.48
CA PRO C 286 -2.39 25.03 -9.45
C PRO C 286 -3.27 23.98 -10.11
N PRO C 287 -2.70 23.15 -10.98
CA PRO C 287 -3.47 22.03 -11.54
C PRO C 287 -3.53 20.86 -10.57
N PRO C 288 -4.39 19.88 -10.83
CA PRO C 288 -4.58 18.77 -9.87
C PRO C 288 -3.31 18.07 -9.45
N TYR C 289 -2.39 17.81 -10.38
CA TYR C 289 -1.18 17.10 -9.98
C TYR C 289 -0.39 17.90 -8.96
N LEU C 290 -0.39 19.24 -9.08
CA LEU C 290 0.35 20.05 -8.12
C LEU C 290 -0.44 20.29 -6.84
N LYS C 291 -1.65 19.75 -6.74
CA LYS C 291 -2.39 19.69 -5.48
C LYS C 291 -2.34 18.29 -4.87
N SER C 292 -1.43 17.44 -5.37
CA SER C 292 -1.42 16.04 -4.98
C SER C 292 -0.10 15.61 -4.34
N LEU C 293 0.78 16.55 -3.99
CA LEU C 293 2.13 16.19 -3.55
C LEU C 293 2.13 15.36 -2.27
N VAL C 294 1.22 15.65 -1.33
CA VAL C 294 1.15 14.81 -0.13
C VAL C 294 0.68 13.41 -0.49
N TYR C 295 -0.35 13.32 -1.31
CA TYR C 295 -0.85 12.01 -1.73
C TYR C 295 0.24 11.18 -2.37
N PHE C 296 0.92 11.72 -3.40
CA PHE C 296 1.82 10.82 -4.10
C PHE C 296 3.18 10.71 -3.42
N SER C 297 3.45 11.46 -2.35
CA SER C 297 4.64 11.16 -1.55
C SER C 297 4.60 9.71 -1.07
N ASN C 298 3.40 9.17 -0.93
CA ASN C 298 3.21 7.81 -0.43
C ASN C 298 3.57 6.74 -1.45
N ILE C 299 3.57 7.06 -2.75
CA ILE C 299 3.61 6.05 -3.80
C ILE C 299 4.56 6.39 -4.95
N ALA C 300 5.04 7.62 -5.03
CA ALA C 300 5.89 7.99 -6.16
C ALA C 300 7.25 7.29 -6.08
N ALA C 301 7.88 7.11 -7.24
CA ALA C 301 9.28 6.73 -7.21
C ALA C 301 10.04 7.69 -6.30
N ARG C 302 10.79 7.15 -5.35
CA ARG C 302 11.34 8.01 -4.31
C ARG C 302 12.55 7.35 -3.67
N GLN C 303 13.33 8.16 -2.94
CA GLN C 303 14.45 7.68 -2.16
C GLN C 303 14.26 8.10 -0.71
N ILE C 304 14.40 7.14 0.19
CA ILE C 304 14.31 7.40 1.63
C ILE C 304 15.72 7.41 2.18
N MET C 305 16.05 8.44 2.96
CA MET C 305 17.36 8.55 3.58
C MET C 305 17.18 8.79 5.07
N PHE C 306 17.67 7.87 5.89
CA PHE C 306 17.65 8.04 7.33
C PHE C 306 18.99 8.58 7.79
N ILE C 307 18.96 9.62 8.63
CA ILE C 307 20.17 10.28 9.10
C ILE C 307 20.11 10.35 10.62
N GLU C 308 21.21 9.97 11.27
CA GLU C 308 21.36 10.14 12.72
C GLU C 308 22.07 11.46 12.97
N ALA C 309 21.32 12.44 13.50
CA ALA C 309 21.91 13.74 13.78
C ALA C 309 22.96 13.63 14.88
N ASP C 310 24.05 14.40 14.74
CA ASP C 310 25.06 14.44 15.79
C ASP C 310 24.43 14.87 17.11
N ASN C 311 23.48 15.79 17.06
CA ASN C 311 22.79 16.27 18.25
C ASN C 311 21.78 15.22 18.70
N LYS C 312 22.03 14.60 19.86
CA LYS C 312 21.18 13.53 20.36
C LYS C 312 19.74 13.97 20.57
N GLU C 313 19.51 15.25 20.84
CA GLU C 313 18.14 15.74 21.05
C GLU C 313 17.36 15.83 19.76
N ILE C 314 18.04 15.82 18.62
CA ILE C 314 17.38 15.66 17.33
C ILE C 314 17.31 14.20 16.92
N GLY C 315 18.43 13.49 17.03
CA GLY C 315 18.42 12.04 16.86
C GLY C 315 18.16 11.63 15.43
N LEU C 316 17.40 10.54 15.27
CA LEU C 316 17.14 9.99 13.95
C LEU C 316 16.06 10.81 13.24
N ILE C 317 16.37 11.24 12.01
CA ILE C 317 15.42 11.94 11.16
C ILE C 317 15.34 11.19 9.84
N PHE C 318 14.34 11.53 9.02
CA PHE C 318 14.35 11.02 7.66
C PHE C 318 14.15 12.14 6.64
N LEU C 319 14.68 11.86 5.45
CA LEU C 319 14.40 12.61 4.24
C LEU C 319 13.79 11.64 3.25
N VAL C 320 12.78 12.11 2.53
CA VAL C 320 12.29 11.40 1.37
C VAL C 320 12.41 12.33 0.18
N PHE C 321 13.14 11.92 -0.82
CA PHE C 321 13.25 12.66 -2.06
C PHE C 321 12.27 12.04 -3.05
N ILE C 322 11.33 12.85 -3.52
CA ILE C 322 10.08 12.39 -4.13
C ILE C 322 10.09 12.78 -5.60
N GLY C 323 9.98 11.78 -6.47
CA GLY C 323 9.99 12.08 -7.89
C GLY C 323 8.69 12.74 -8.33
N MET C 324 8.76 13.45 -9.44
CA MET C 324 7.56 13.99 -10.07
C MET C 324 7.73 13.81 -11.57
N THR C 325 6.76 13.12 -12.18
CA THR C 325 6.78 12.76 -13.60
C THR C 325 8.18 12.36 -14.05
N GLU C 326 8.70 12.98 -15.11
CA GLU C 326 9.97 12.54 -15.66
C GLU C 326 11.18 12.90 -14.79
N ILE C 327 10.98 13.69 -13.73
CA ILE C 327 12.11 14.07 -12.89
C ILE C 327 12.04 13.22 -11.63
N SER C 328 12.41 11.94 -11.78
CA SER C 328 12.18 10.97 -10.72
C SER C 328 13.39 10.13 -10.37
N THR C 329 14.54 10.38 -10.97
CA THR C 329 15.76 9.73 -10.54
C THR C 329 16.33 10.47 -9.34
N CYS C 330 16.57 9.74 -8.27
CA CYS C 330 17.10 10.26 -7.02
C CYS C 330 18.48 9.65 -6.81
N GLU C 331 19.53 10.46 -6.99
CA GLU C 331 20.90 9.97 -6.87
C GLU C 331 21.49 10.48 -5.56
N ALA C 332 21.76 9.56 -4.64
CA ALA C 332 22.55 9.90 -3.47
C ALA C 332 24.03 9.92 -3.83
N THR C 333 24.74 10.93 -3.35
CA THR C 333 26.19 10.99 -3.49
C THR C 333 26.90 10.81 -2.16
N VAL C 334 26.18 10.39 -1.14
CA VAL C 334 26.76 10.01 0.14
C VAL C 334 26.52 8.51 0.31
N SER C 335 27.32 7.91 1.19
CA SER C 335 27.22 6.48 1.47
C SER C 335 26.70 6.25 2.88
N GLU C 336 26.06 5.10 3.08
CA GLU C 336 25.69 4.69 4.42
C GLU C 336 26.94 4.63 5.30
N GLY C 337 26.84 5.24 6.48
CA GLY C 337 27.98 5.34 7.38
C GLY C 337 28.77 6.62 7.27
N GLN C 338 28.53 7.43 6.24
CA GLN C 338 29.28 8.65 6.04
C GLN C 338 28.78 9.75 6.97
N HIS C 339 29.70 10.55 7.48
CA HIS C 339 29.34 11.72 8.25
C HIS C 339 29.30 12.94 7.33
N VAL C 340 28.30 13.78 7.52
CA VAL C 340 28.13 14.98 6.72
C VAL C 340 27.91 16.16 7.67
N ASN C 341 28.17 17.35 7.16
CA ASN C 341 27.84 18.58 7.86
C ASN C 341 26.64 19.24 7.21
N ARG C 342 25.86 19.96 8.03
CA ARG C 342 24.74 20.73 7.52
C ARG C 342 25.19 21.59 6.36
N GLY C 343 24.49 21.46 5.23
CA GLY C 343 24.82 22.18 4.02
C GLY C 343 25.65 21.41 3.02
N ASP C 344 26.19 20.26 3.41
CA ASP C 344 27.00 19.48 2.49
C ASP C 344 26.13 18.85 1.39
N ASP C 345 26.79 18.44 0.30
CA ASP C 345 26.11 17.69 -0.76
C ASP C 345 25.57 16.37 -0.22
N LEU C 346 24.31 16.07 -0.54
CA LEU C 346 23.73 14.76 -0.30
C LEU C 346 23.45 13.97 -1.57
N GLY C 347 23.20 14.66 -2.67
CA GLY C 347 22.78 14.02 -3.91
C GLY C 347 22.02 15.03 -4.75
N MET C 348 21.19 14.52 -5.64
CA MET C 348 20.47 15.39 -6.55
C MET C 348 19.40 14.61 -7.29
N PHE C 349 18.46 15.34 -7.87
CA PHE C 349 17.48 14.79 -8.79
C PHE C 349 18.05 14.78 -10.21
N HIS C 350 17.58 13.83 -11.02
CA HIS C 350 17.82 13.83 -12.46
C HIS C 350 16.52 13.53 -13.19
N PHE C 351 16.44 13.98 -14.45
CA PHE C 351 15.51 13.38 -15.39
C PHE C 351 15.80 11.89 -15.49
N GLY C 352 14.77 11.08 -15.35
CA GLY C 352 14.93 9.65 -15.31
C GLY C 352 13.86 9.02 -14.43
N GLY C 353 13.86 7.69 -14.43
CA GLY C 353 12.88 6.95 -13.64
C GLY C 353 13.36 6.61 -12.25
C PYR D 1 10.22 18.06 -6.20
O PYR D 1 9.22 19.00 -6.02
CA PYR D 1 10.32 17.74 -7.68
O3 PYR D 1 10.03 18.59 -8.48
CB PYR D 1 10.75 16.33 -8.10
N SER D 2 10.09 16.96 -5.31
CA SER D 2 9.58 17.26 -3.97
C SER D 2 10.48 16.59 -2.92
N PHE D 3 10.47 17.09 -1.69
CA PHE D 3 11.20 16.41 -0.63
C PHE D 3 10.40 16.54 0.65
N ALA D 4 10.57 15.56 1.53
CA ALA D 4 9.95 15.59 2.86
C ALA D 4 11.01 15.38 3.93
N LEU D 5 10.88 16.13 5.02
CA LEU D 5 11.70 15.98 6.21
C LEU D 5 10.81 15.44 7.31
N GLY D 6 11.23 14.34 7.93
CA GLY D 6 10.47 13.71 9.00
C GLY D 6 11.19 13.76 10.32
N LEU D 7 10.48 14.21 11.35
CA LEU D 7 11.01 14.36 12.70
C LEU D 7 10.20 13.48 13.64
N ARG D 8 10.91 12.82 14.56
CA ARG D 8 10.24 12.02 15.56
C ARG D 8 9.52 12.91 16.56
N LYS D 9 8.49 12.34 17.20
CA LYS D 9 7.71 13.08 18.17
C LYS D 9 8.59 13.65 19.27
N ASP D 10 9.55 12.85 19.76
CA ASP D 10 10.42 13.31 20.83
C ASP D 10 11.53 14.23 20.36
N CYS D 11 11.74 14.37 19.05
CA CYS D 11 12.70 15.36 18.55
C CYS D 11 12.42 16.72 19.17
N ARG D 12 13.45 17.33 19.75
CA ARG D 12 13.24 18.63 20.38
C ARG D 12 13.29 19.78 19.37
N ALA D 13 13.77 19.54 18.17
CA ALA D 13 13.65 20.54 17.12
C ALA D 13 12.25 20.49 16.56
N GLU D 14 11.61 21.65 16.43
CA GLU D 14 10.27 21.74 15.89
C GLU D 14 10.30 22.57 14.61
N ILE D 15 9.46 22.16 13.65
CA ILE D 15 9.39 22.86 12.37
C ILE D 15 9.12 24.34 12.60
N VAL D 16 9.81 25.19 11.84
CA VAL D 16 9.65 26.62 11.96
C VAL D 16 8.28 27.04 11.44
N GLU D 17 7.57 27.85 12.24
CA GLU D 17 6.14 28.06 12.03
C GLU D 17 5.82 28.60 10.65
N LYS D 18 6.66 29.48 10.09
CA LYS D 18 6.29 30.13 8.83
C LYS D 18 6.14 29.11 7.70
N PHE D 19 6.82 27.97 7.78
CA PHE D 19 6.74 26.99 6.71
C PHE D 19 5.44 26.19 6.75
N THR D 20 4.62 26.36 7.79
CA THR D 20 3.30 25.73 7.78
C THR D 20 2.34 26.40 6.82
N GLU D 21 2.72 27.56 6.29
CA GLU D 21 1.92 28.24 5.29
C GLU D 21 2.41 27.84 3.90
N PRO D 22 1.61 27.13 3.11
CA PRO D 22 2.07 26.72 1.77
C PRO D 22 2.48 27.92 0.92
N GLY D 23 3.48 27.70 0.05
CA GLY D 23 3.98 28.75 -0.81
C GLY D 23 5.07 29.62 -0.21
N THR D 24 5.45 29.38 1.04
CA THR D 24 6.54 30.12 1.66
C THR D 24 7.87 29.71 1.04
N VAL D 25 8.72 30.69 0.73
CA VAL D 25 10.00 30.38 0.09
C VAL D 25 10.88 29.61 1.06
N ILE D 26 11.42 28.48 0.60
CA ILE D 26 12.38 27.71 1.37
C ILE D 26 13.72 27.86 0.67
N ARG D 27 14.57 28.74 1.20
CA ARG D 27 15.91 28.86 0.65
C ARG D 27 16.74 27.69 1.17
N ILE D 28 17.37 26.96 0.24
CA ILE D 28 18.15 25.82 0.66
C ILE D 28 19.18 26.27 1.68
N ASN D 29 19.39 25.45 2.70
CA ASN D 29 20.28 25.67 3.82
C ASN D 29 19.66 26.53 4.92
N GLU D 30 18.55 27.22 4.67
CA GLU D 30 17.99 28.00 5.77
C GLU D 30 17.34 27.09 6.80
N VAL D 31 17.11 27.63 8.00
CA VAL D 31 16.63 26.81 9.09
C VAL D 31 15.16 26.48 8.89
N VAL D 32 14.84 25.18 8.93
CA VAL D 32 13.44 24.76 8.83
C VAL D 32 12.93 24.12 10.11
N ALA D 33 13.81 23.77 11.05
CA ALA D 33 13.40 23.31 12.37
C ALA D 33 14.48 23.72 13.37
N ALA D 34 14.05 24.04 14.57
CA ALA D 34 14.96 24.54 15.59
C ALA D 34 14.51 24.05 16.95
N LEU D 35 15.48 23.75 17.82
CA LEU D 35 15.19 23.22 19.15
C LEU D 35 14.32 24.21 19.94
N1 TSS E . -14.27 -17.50 9.55
CA TSS E . -15.73 -17.64 9.61
CB TSS E . -16.39 -16.86 8.48
CG TSS E . -16.38 -15.37 8.66
CD1 TSS E . -15.49 -14.60 9.35
NE1 TSS E . -15.85 -13.28 9.28
CE2 TSS E . -16.99 -13.17 8.52
CD2 TSS E . -17.37 -14.46 8.12
CZ2 TSS E . -17.73 -12.05 8.16
CH2 TSS E . -18.86 -12.25 7.40
CZ3 TSS E . -19.24 -13.52 6.99
CE3 TSS E . -18.51 -14.63 7.35
HN11 TSS E . -13.91 -17.64 10.35
HN12 TSS E . -14.02 -16.72 9.25
HA1 TSS E . -15.98 -18.58 9.56
HA2 TSS E . -16.05 -17.29 10.48
HB1 TSS E . -17.32 -17.16 8.41
HB2 TSS E . -15.94 -17.08 7.65
HD1 TSS E . -14.74 -14.93 9.83
HE1 TSS E . -15.41 -12.61 9.64
HZ2 TSS E . -17.47 -11.18 8.43
HH2 TSS E . -19.38 -11.51 7.15
HZ3 TSS E . -20.02 -13.63 6.47
HE3 TSS E . -18.77 -15.50 7.06
N1 TSS F . 11.38 18.97 -10.76
CA TSS F . 10.83 20.03 -11.60
CB TSS F . 9.37 20.30 -11.29
CG TSS F . 8.43 19.28 -11.84
CD1 TSS F . 8.66 17.96 -12.10
NE1 TSS F . 7.54 17.36 -12.60
CE2 TSS F . 6.53 18.29 -12.69
CD2 TSS F . 7.06 19.51 -12.22
CZ2 TSS F . 5.23 18.16 -13.15
CH2 TSS F . 4.45 19.29 -13.13
CZ3 TSS F . 4.94 20.52 -12.67
CE3 TSS F . 6.24 20.65 -12.22
HN11 TSS F . 11.45 19.29 -9.94
HN12 TSS F . 10.82 18.29 -10.70
HA1 TSS F . 10.92 19.78 -12.54
HA2 TSS F . 11.35 20.85 -11.46
HB1 TSS F . 9.13 21.17 -11.67
HB2 TSS F . 9.25 20.34 -10.33
HD1 TSS F . 9.49 17.52 -11.95
HE1 TSS F . 7.48 16.52 -12.84
HZ2 TSS F . 4.90 17.34 -13.47
HH2 TSS F . 3.55 19.24 -13.43
HZ3 TSS F . 4.37 21.27 -12.68
HE3 TSS F . 6.56 21.47 -11.91
#